data_3TY4
#
_entry.id   3TY4
#
_cell.length_a   52.851
_cell.length_b   94.452
_cell.length_c   76.076
_cell.angle_alpha   90.000
_cell.angle_beta   106.630
_cell.angle_gamma   90.000
#
_symmetry.space_group_name_H-M   'P 1 21 1'
#
loop_
_entity.id
_entity.type
_entity.pdbx_description
1 polymer 'Probable homoisocitrate dehydrogenase'
2 non-polymer GLYCEROL
3 water water
#
_entity_poly.entity_id   1
_entity_poly.type   'polypeptide(L)'
_entity_poly.pdbx_seq_one_letter_code
;GSTSMSATRRIVLGLIPADGIGKEVVPAARRLMENLPAKHKLKFDFIDLDAGWGTFERTGKALPERTVERLKTECNAALF
GAVQSPTHKVAGYSSPIVALRKKMGLYANVRPVKSLDGAKGKPVDLVIVRENTECLYVKEERMVQNTPGKRVAEAIRRIS
EEASTKIGKMAFEIAKSRQKIRESGTYSIHKKPLVTIIHKSNVMSVTDGLFRESCRHAQSLDPSYASINVDEQIVDSMVY
RLFREPECFDVVVAPNLYGDILSDGAASLIGSLGLVPSANVGDNFVMSEPVHGSAPDIAGRGIANPVATFRSVALMLEFM
GHQDAAADIYTAVDKVLTEGKVLTPDLGGKSGTNEITDAVLANIHN
;
_entity_poly.pdbx_strand_id   A,B
#
loop_
_chem_comp.id
_chem_comp.type
_chem_comp.name
_chem_comp.formula
GOL non-polymer GLYCEROL 'C3 H8 O3'
#
# COMPACT_ATOMS: atom_id res chain seq x y z
N ARG A 9 1.75 29.94 29.50
CA ARG A 9 2.81 29.41 28.60
C ARG A 9 2.73 30.13 27.25
N ARG A 10 3.90 30.45 26.72
N ARG A 10 3.87 30.49 26.70
CA ARG A 10 4.03 31.13 25.44
CA ARG A 10 3.90 31.19 25.41
C ARG A 10 4.52 30.16 24.38
C ARG A 10 4.59 30.38 24.31
N ILE A 11 3.85 30.14 23.23
CA ILE A 11 4.35 29.42 22.04
C ILE A 11 4.53 30.43 20.92
N VAL A 12 5.74 30.48 20.37
CA VAL A 12 6.00 31.31 19.19
C VAL A 12 5.89 30.40 17.96
N LEU A 13 4.87 30.64 17.14
CA LEU A 13 4.56 29.75 16.04
C LEU A 13 4.78 30.42 14.70
N GLY A 14 5.60 29.78 13.88
CA GLY A 14 5.78 30.26 12.51
C GLY A 14 4.62 29.83 11.66
N LEU A 15 4.06 30.77 10.91
CA LEU A 15 2.94 30.50 10.00
C LEU A 15 3.47 30.53 8.56
N ILE A 16 3.35 29.40 7.87
CA ILE A 16 3.91 29.24 6.50
C ILE A 16 2.77 28.76 5.57
N PRO A 17 1.87 29.69 5.21
CA PRO A 17 0.68 29.29 4.44
C PRO A 17 1.04 28.71 3.08
N ALA A 18 2.12 29.25 2.50
CA ALA A 18 2.53 28.87 1.14
C ALA A 18 1.44 29.10 0.09
N ASP A 19 0.99 28.07 -0.60
CA ASP A 19 0.19 28.29 -1.84
C ASP A 19 -1.26 27.84 -1.72
N GLY A 20 -2.08 28.36 -2.62
CA GLY A 20 -3.46 27.89 -2.79
C GLY A 20 -4.26 27.98 -1.51
N ILE A 21 -4.94 26.88 -1.18
CA ILE A 21 -5.77 26.89 0.01
C ILE A 21 -4.94 26.95 1.30
N GLY A 22 -3.63 26.78 1.21
CA GLY A 22 -2.79 27.08 2.39
C GLY A 22 -3.03 28.48 2.92
N LYS A 23 -3.29 29.44 2.03
CA LYS A 23 -3.52 30.83 2.40
C LYS A 23 -4.88 31.05 3.07
N GLU A 24 -5.73 30.03 3.03
CA GLU A 24 -7.08 30.07 3.62
C GLU A 24 -7.12 29.28 4.92
N VAL A 25 -6.52 28.10 4.91
CA VAL A 25 -6.63 27.25 6.11
C VAL A 25 -5.69 27.67 7.25
N VAL A 26 -4.55 28.28 6.92
CA VAL A 26 -3.64 28.73 7.96
C VAL A 26 -4.23 29.93 8.75
N PRO A 27 -4.81 30.96 8.07
CA PRO A 27 -5.54 32.00 8.82
C PRO A 27 -6.66 31.45 9.70
N ALA A 28 -7.42 30.47 9.20
CA ALA A 28 -8.49 29.86 9.99
C ALA A 28 -7.90 29.25 11.25
N ALA A 29 -6.78 28.52 11.08
CA ALA A 29 -6.11 27.93 12.23
C ALA A 29 -5.58 29.00 13.19
N ARG A 30 -5.07 30.12 12.68
CA ARG A 30 -4.66 31.22 13.55
C ARG A 30 -5.82 31.68 14.43
N ARG A 31 -6.99 31.83 13.84
CA ARG A 31 -8.15 32.27 14.60
C ARG A 31 -8.54 31.26 15.68
N LEU A 32 -8.40 29.98 15.36
CA LEU A 32 -8.71 28.93 16.32
C LEU A 32 -7.75 29.05 17.50
N MET A 33 -6.45 29.21 17.18
CA MET A 33 -5.44 29.30 18.24
C MET A 33 -5.61 30.55 19.12
N GLU A 34 -6.00 31.67 18.52
CA GLU A 34 -6.22 32.91 19.26
C GLU A 34 -7.41 32.84 20.19
N ASN A 35 -8.36 31.95 19.88
CA ASN A 35 -9.60 31.87 20.66
C ASN A 35 -9.76 30.59 21.48
N LEU A 36 -8.65 29.96 21.84
CA LEU A 36 -8.70 28.84 22.78
C LEU A 36 -9.20 29.30 24.16
N PRO A 37 -9.94 28.41 24.86
CA PRO A 37 -10.40 28.64 26.23
C PRO A 37 -9.31 29.19 27.15
N ALA A 38 -9.69 30.17 28.00
CA ALA A 38 -8.80 30.73 29.04
C ALA A 38 -8.08 29.65 29.87
N LYS A 39 -8.81 28.58 30.17
CA LYS A 39 -8.33 27.51 31.04
C LYS A 39 -7.01 26.85 30.58
N HIS A 40 -6.76 26.85 29.29
CA HIS A 40 -5.54 26.22 28.76
C HIS A 40 -4.27 26.99 29.09
N LYS A 41 -4.43 28.27 29.46
CA LYS A 41 -3.30 29.14 29.82
C LYS A 41 -2.24 29.11 28.71
N LEU A 42 -2.69 29.32 27.48
CA LEU A 42 -1.81 29.23 26.33
C LEU A 42 -1.93 30.46 25.44
N LYS A 43 -0.81 31.19 25.34
CA LYS A 43 -0.70 32.42 24.56
C LYS A 43 0.19 32.20 23.33
N PHE A 44 -0.32 32.58 22.17
CA PHE A 44 0.44 32.44 20.94
C PHE A 44 0.94 33.77 20.41
N ASP A 45 2.19 33.78 19.99
CA ASP A 45 2.72 34.85 19.14
C ASP A 45 3.04 34.23 17.81
N PHE A 46 2.64 34.91 16.75
CA PHE A 46 2.78 34.37 15.41
C PHE A 46 3.80 35.18 14.62
N ILE A 47 4.54 34.46 13.78
N ILE A 47 4.60 34.48 13.82
CA ILE A 47 5.45 35.04 12.81
CA ILE A 47 5.40 35.17 12.81
C ILE A 47 5.05 34.56 11.42
C ILE A 47 5.07 34.60 11.43
N ASP A 48 4.91 35.50 10.49
CA ASP A 48 4.49 35.14 9.12
C ASP A 48 5.73 34.90 8.29
N LEU A 49 5.76 33.77 7.59
CA LEU A 49 6.94 33.34 6.86
C LEU A 49 6.59 32.97 5.43
N ASP A 50 7.52 33.28 4.53
CA ASP A 50 7.34 33.04 3.08
C ASP A 50 8.04 31.74 2.60
N ALA A 51 7.29 30.86 1.94
CA ALA A 51 7.85 29.68 1.28
C ALA A 51 6.83 29.20 0.27
N GLY A 52 7.28 28.42 -0.71
CA GLY A 52 6.37 27.67 -1.57
C GLY A 52 6.61 28.00 -3.04
N TRP A 53 5.66 27.57 -3.88
CA TRP A 53 5.75 27.80 -5.32
C TRP A 53 5.71 29.28 -5.69
N GLY A 54 4.80 30.03 -5.07
CA GLY A 54 4.73 31.47 -5.22
C GLY A 54 6.05 32.15 -4.89
N THR A 55 6.67 31.72 -3.78
CA THR A 55 7.96 32.26 -3.39
C THR A 55 9.01 32.02 -4.45
N PHE A 56 9.00 30.81 -5.00
CA PHE A 56 9.94 30.45 -6.07
C PHE A 56 9.69 31.32 -7.31
N GLU A 57 8.42 31.50 -7.68
CA GLU A 57 8.14 32.31 -8.87
C GLU A 57 8.65 33.75 -8.73
N ARG A 58 8.56 34.32 -7.53
CA ARG A 58 8.94 35.71 -7.29
C ARG A 58 10.45 35.90 -7.14
N THR A 59 11.11 34.90 -6.55
CA THR A 59 12.48 35.08 -6.05
C THR A 59 13.48 34.05 -6.58
N GLY A 60 12.99 32.97 -7.18
CA GLY A 60 13.84 31.90 -7.68
C GLY A 60 14.25 30.90 -6.63
N LYS A 61 13.72 31.05 -5.43
CA LYS A 61 14.00 30.08 -4.38
C LYS A 61 12.70 29.77 -3.62
N ALA A 62 12.35 28.50 -3.52
CA ALA A 62 11.10 28.10 -2.85
C ALA A 62 11.19 28.25 -1.34
N LEU A 63 12.39 28.11 -0.79
CA LEU A 63 12.58 28.18 0.67
C LEU A 63 13.68 29.21 0.96
N PRO A 64 13.28 30.47 1.25
CA PRO A 64 14.29 31.48 1.56
C PRO A 64 15.09 31.05 2.78
N GLU A 65 16.40 31.28 2.74
N GLU A 65 16.40 31.27 2.76
CA GLU A 65 17.22 30.98 3.92
CA GLU A 65 17.20 30.94 3.95
C GLU A 65 16.72 31.74 5.13
C GLU A 65 16.69 31.74 5.16
N ARG A 66 16.21 32.96 4.93
CA ARG A 66 15.67 33.77 6.04
C ARG A 66 14.49 33.10 6.74
N THR A 67 13.67 32.34 6.00
CA THR A 67 12.55 31.64 6.61
C THR A 67 13.08 30.58 7.56
N VAL A 68 14.10 29.85 7.12
CA VAL A 68 14.73 28.83 7.96
C VAL A 68 15.35 29.47 9.20
N GLU A 69 16.05 30.57 9.01
CA GLU A 69 16.70 31.28 10.14
C GLU A 69 15.69 31.73 11.20
N ARG A 70 14.58 32.29 10.75
CA ARG A 70 13.58 32.79 11.70
C ARG A 70 12.95 31.59 12.44
N LEU A 71 12.74 30.48 11.76
CA LEU A 71 12.22 29.30 12.46
C LEU A 71 13.18 28.83 13.55
N LYS A 72 14.46 28.73 13.21
CA LYS A 72 15.47 28.23 14.16
C LYS A 72 15.67 29.17 15.34
N THR A 73 15.69 30.48 15.09
CA THR A 73 16.08 31.43 16.12
C THR A 73 14.91 31.98 16.96
N GLU A 74 13.73 32.01 16.37
CA GLU A 74 12.56 32.64 16.99
C GLU A 74 11.42 31.70 17.38
N CYS A 75 11.21 30.60 16.65
CA CYS A 75 10.00 29.81 16.83
C CYS A 75 10.16 28.55 17.67
N ASN A 76 9.06 28.17 18.34
CA ASN A 76 9.01 26.89 19.06
C ASN A 76 8.45 25.77 18.18
N ALA A 77 7.67 26.16 17.16
CA ALA A 77 6.97 25.22 16.28
C ALA A 77 6.51 26.00 15.05
N ALA A 78 5.94 25.31 14.10
CA ALA A 78 5.41 25.97 12.90
C ALA A 78 4.23 25.22 12.35
N LEU A 79 3.43 25.93 11.54
CA LEU A 79 2.31 25.36 10.82
C LEU A 79 2.53 25.66 9.37
N PHE A 80 2.58 24.60 8.55
CA PHE A 80 2.78 24.73 7.13
C PHE A 80 1.44 24.48 6.44
N GLY A 81 1.15 25.25 5.40
CA GLY A 81 -0.11 25.10 4.63
C GLY A 81 0.03 24.04 3.56
N ALA A 82 0.31 24.46 2.33
CA ALA A 82 0.47 23.47 1.27
C ALA A 82 1.28 24.08 0.15
N VAL A 83 2.09 23.26 -0.54
CA VAL A 83 2.86 23.73 -1.69
C VAL A 83 2.25 23.23 -2.99
N GLN A 84 2.22 24.11 -3.97
CA GLN A 84 1.71 23.77 -5.31
C GLN A 84 2.89 23.22 -6.10
N SER A 85 3.11 21.92 -5.97
CA SER A 85 4.26 21.24 -6.58
C SER A 85 4.11 21.19 -8.10
N PRO A 86 5.22 21.41 -8.84
CA PRO A 86 5.19 21.31 -10.30
C PRO A 86 5.06 19.84 -10.71
N THR A 87 4.58 19.59 -11.92
CA THR A 87 4.33 18.22 -12.39
C THR A 87 5.62 17.53 -12.88
N HIS A 88 6.64 18.34 -13.15
CA HIS A 88 7.95 17.87 -13.58
C HIS A 88 9.06 18.65 -12.87
N LYS A 89 10.30 18.13 -12.95
CA LYS A 89 11.50 18.86 -12.53
C LYS A 89 11.58 20.26 -13.16
N VAL A 90 11.88 21.26 -12.33
CA VAL A 90 12.09 22.64 -12.74
C VAL A 90 13.45 23.08 -12.19
N ALA A 91 14.30 23.62 -13.05
CA ALA A 91 15.62 24.11 -12.61
C ALA A 91 15.51 25.21 -11.54
N GLY A 92 16.22 25.01 -10.44
CA GLY A 92 16.19 25.97 -9.33
C GLY A 92 15.12 25.69 -8.29
N TYR A 93 14.17 24.81 -8.60
CA TYR A 93 13.11 24.48 -7.65
C TYR A 93 13.38 23.15 -6.94
N SER A 94 13.27 23.17 -5.62
CA SER A 94 13.21 21.93 -4.84
CA SER A 94 13.23 21.94 -4.83
C SER A 94 12.15 22.10 -3.76
N SER A 95 11.44 21.03 -3.47
CA SER A 95 10.36 21.05 -2.48
C SER A 95 10.78 21.73 -1.17
N PRO A 96 10.07 22.83 -0.81
CA PRO A 96 10.40 23.51 0.43
C PRO A 96 10.00 22.70 1.67
N ILE A 97 9.02 21.80 1.52
CA ILE A 97 8.62 21.02 2.67
CA ILE A 97 8.57 20.94 2.63
C ILE A 97 9.66 19.91 2.94
N VAL A 98 10.13 19.25 1.90
CA VAL A 98 11.22 18.29 2.07
C VAL A 98 12.45 18.99 2.68
N ALA A 99 12.80 20.17 2.16
CA ALA A 99 13.93 20.92 2.69
C ALA A 99 13.73 21.38 4.14
N LEU A 100 12.53 21.86 4.47
CA LEU A 100 12.25 22.27 5.86
C LEU A 100 12.39 21.10 6.80
N ARG A 101 11.88 19.94 6.39
CA ARG A 101 12.00 18.77 7.25
C ARG A 101 13.46 18.42 7.52
N LYS A 102 14.31 18.47 6.48
CA LYS A 102 15.74 18.22 6.62
CA LYS A 102 15.73 18.20 6.66
C LYS A 102 16.38 19.27 7.53
N LYS A 103 16.13 20.54 7.21
CA LYS A 103 16.80 21.62 7.92
C LYS A 103 16.43 21.73 9.38
N MET A 104 15.18 21.39 9.72
CA MET A 104 14.71 21.51 11.10
C MET A 104 14.83 20.21 11.88
N GLY A 105 15.38 19.18 11.26
CA GLY A 105 15.62 17.93 12.00
C GLY A 105 14.37 17.11 12.22
N LEU A 106 13.38 17.26 11.32
CA LEU A 106 12.10 16.59 11.55
C LEU A 106 12.05 15.19 10.94
N TYR A 107 12.68 14.22 11.60
CA TYR A 107 12.92 12.89 11.04
C TYR A 107 11.69 12.00 11.03
N ALA A 108 10.69 12.37 11.83
CA ALA A 108 9.48 11.54 12.03
C ALA A 108 8.29 12.16 11.35
N ASN A 109 7.65 11.46 10.41
CA ASN A 109 6.41 11.93 9.81
C ASN A 109 5.29 11.16 10.50
N VAL A 110 4.41 11.88 11.20
CA VAL A 110 3.39 11.26 12.02
C VAL A 110 2.02 11.50 11.45
N ARG A 111 1.30 10.41 11.16
CA ARG A 111 0.01 10.46 10.45
C ARG A 111 -1.04 9.68 11.25
N PRO A 112 -1.76 10.39 12.14
CA PRO A 112 -2.92 9.80 12.83
C PRO A 112 -4.14 9.68 11.92
N VAL A 113 -4.85 8.56 12.04
CA VAL A 113 -6.08 8.35 11.29
C VAL A 113 -7.11 7.86 12.29
N LYS A 114 -8.17 8.67 12.49
CA LYS A 114 -9.16 8.34 13.50
C LYS A 114 -10.55 8.63 12.97
N SER A 115 -11.40 7.62 12.97
CA SER A 115 -12.77 7.77 12.54
C SER A 115 -13.61 8.52 13.56
N LEU A 116 -14.75 9.04 13.12
CA LEU A 116 -15.72 9.63 14.05
C LEU A 116 -16.48 8.57 14.86
N ASP A 117 -16.78 8.89 16.10
CA ASP A 117 -17.66 8.04 16.89
CA ASP A 117 -17.65 8.02 16.88
C ASP A 117 -18.96 7.86 16.12
N GLY A 118 -19.39 6.61 15.96
CA GLY A 118 -20.66 6.35 15.28
C GLY A 118 -20.60 6.24 13.77
N ALA A 119 -19.38 6.28 13.21
CA ALA A 119 -19.20 6.14 11.75
C ALA A 119 -19.56 4.73 11.26
N LYS A 120 -20.05 4.63 10.03
CA LYS A 120 -20.21 3.31 9.40
C LYS A 120 -18.87 2.61 9.17
N GLY A 121 -18.91 1.28 9.14
CA GLY A 121 -17.70 0.50 8.82
C GLY A 121 -16.78 0.33 10.01
N LYS A 122 -15.63 -0.32 9.79
CA LYS A 122 -14.75 -0.61 10.92
C LYS A 122 -14.25 0.69 11.48
N PRO A 123 -14.17 0.77 12.83
CA PRO A 123 -13.63 1.98 13.42
C PRO A 123 -12.11 1.98 13.25
N VAL A 124 -11.53 3.15 13.29
N VAL A 124 -11.55 3.17 13.33
CA VAL A 124 -10.08 3.25 13.17
CA VAL A 124 -10.13 3.42 13.10
C VAL A 124 -9.57 4.31 14.13
C VAL A 124 -9.59 4.34 14.18
N ASP A 125 -8.44 4.00 14.77
CA ASP A 125 -7.74 4.95 15.64
C ASP A 125 -6.29 4.50 15.69
N LEU A 126 -5.53 4.91 14.67
CA LEU A 126 -4.16 4.44 14.55
C LEU A 126 -3.26 5.62 14.30
N VAL A 127 -1.95 5.40 14.46
CA VAL A 127 -0.95 6.42 14.09
C VAL A 127 0.17 5.74 13.33
N ILE A 128 0.44 6.21 12.11
CA ILE A 128 1.60 5.70 11.37
CA ILE A 128 1.57 5.73 11.30
C ILE A 128 2.75 6.64 11.61
N VAL A 129 3.85 6.05 12.07
CA VAL A 129 5.08 6.77 12.45
C VAL A 129 6.10 6.35 11.39
N ARG A 130 6.33 7.23 10.44
CA ARG A 130 7.11 6.92 9.26
C ARG A 130 8.49 7.56 9.40
N GLU A 131 9.53 6.73 9.29
CA GLU A 131 10.88 7.25 9.24
C GLU A 131 11.02 8.08 7.97
N ASN A 132 11.49 9.32 8.07
CA ASN A 132 11.35 10.23 6.94
C ASN A 132 12.67 10.84 6.44
N THR A 133 13.75 10.07 6.55
CA THR A 133 15.08 10.57 6.12
C THR A 133 15.81 9.69 5.11
N GLU A 134 15.56 8.38 5.12
CA GLU A 134 16.41 7.48 4.34
C GLU A 134 15.57 6.50 3.50
N CYS A 135 15.92 5.21 3.51
CA CYS A 135 15.31 4.23 2.60
C CYS A 135 15.66 4.67 1.15
N LEU A 136 14.72 4.54 0.21
CA LEU A 136 14.97 4.91 -1.18
C LEU A 136 14.99 6.43 -1.38
N TYR A 137 14.61 7.18 -0.35
CA TYR A 137 14.52 8.65 -0.45
C TYR A 137 15.87 9.36 -0.36
N VAL A 138 16.94 8.58 -0.22
CA VAL A 138 18.31 9.12 -0.39
C VAL A 138 18.54 9.56 -1.83
N LYS A 139 17.70 9.09 -2.74
CA LYS A 139 17.70 9.48 -4.15
C LYS A 139 19.09 9.35 -4.74
N GLU A 140 19.61 8.13 -4.66
CA GLU A 140 20.90 7.82 -5.24
C GLU A 140 20.65 6.80 -6.33
N GLU A 141 20.55 7.28 -7.56
CA GLU A 141 20.23 6.44 -8.72
C GLU A 141 21.23 6.63 -9.83
N ARG A 142 21.34 5.61 -10.69
CA ARG A 142 22.23 5.68 -11.83
C ARG A 142 21.75 4.80 -12.97
N MET A 143 21.93 5.24 -14.21
CA MET A 143 21.69 4.38 -15.36
C MET A 143 22.97 3.59 -15.57
N VAL A 144 22.99 2.35 -15.08
CA VAL A 144 24.21 1.58 -15.04
C VAL A 144 24.61 1.00 -16.41
N GLN A 145 23.60 0.74 -17.23
CA GLN A 145 23.81 0.29 -18.62
C GLN A 145 22.96 1.14 -19.55
N ASN A 146 23.53 1.49 -20.69
CA ASN A 146 22.87 2.43 -21.60
C ASN A 146 22.67 1.87 -22.99
N THR A 147 22.89 0.57 -23.16
CA THR A 147 22.69 -0.10 -24.44
C THR A 147 21.30 0.28 -24.98
N PRO A 148 21.23 0.80 -26.24
CA PRO A 148 19.90 1.16 -26.75
C PRO A 148 18.87 0.01 -26.70
N GLY A 149 17.69 0.33 -26.14
CA GLY A 149 16.59 -0.62 -25.98
C GLY A 149 16.82 -1.60 -24.86
N LYS A 150 17.98 -1.54 -24.21
CA LYS A 150 18.32 -2.46 -23.12
C LYS A 150 18.96 -1.74 -21.94
N ARG A 151 18.45 -0.54 -21.62
CA ARG A 151 18.94 0.21 -20.50
C ARG A 151 18.68 -0.48 -19.16
N VAL A 152 19.50 -0.20 -18.17
CA VAL A 152 19.34 -0.75 -16.84
C VAL A 152 19.61 0.37 -15.83
N ALA A 153 18.67 0.57 -14.92
CA ALA A 153 18.78 1.61 -13.87
C ALA A 153 18.81 0.98 -12.48
N GLU A 154 19.55 1.60 -11.58
CA GLU A 154 19.60 1.11 -10.19
C GLU A 154 19.44 2.23 -9.19
N ALA A 155 18.78 1.93 -8.07
CA ALA A 155 18.63 2.90 -6.99
C ALA A 155 19.10 2.27 -5.69
N ILE A 156 19.66 3.09 -4.80
CA ILE A 156 20.06 2.57 -3.48
C ILE A 156 19.01 2.80 -2.42
N ARG A 157 18.70 1.75 -1.68
CA ARG A 157 17.88 1.85 -0.48
C ARG A 157 18.78 1.75 0.76
N ARG A 158 18.83 2.80 1.57
CA ARG A 158 19.75 2.84 2.73
C ARG A 158 18.95 2.78 4.03
N ILE A 159 19.29 1.82 4.91
CA ILE A 159 18.66 1.74 6.22
C ILE A 159 19.77 1.77 7.29
N SER A 160 19.69 2.72 8.22
CA SER A 160 20.72 2.85 9.25
C SER A 160 20.17 2.55 10.63
N GLU A 161 21.05 2.06 11.50
CA GLU A 161 20.68 1.69 12.86
C GLU A 161 20.31 2.94 13.65
N GLU A 162 21.06 4.01 13.46
CA GLU A 162 20.77 5.22 14.22
C GLU A 162 19.40 5.79 13.86
N ALA A 163 19.09 5.91 12.57
CA ALA A 163 17.79 6.46 12.16
C ALA A 163 16.64 5.54 12.55
N SER A 164 16.86 4.23 12.45
CA SER A 164 15.79 3.28 12.72
C SER A 164 15.53 3.21 14.22
N THR A 165 16.60 3.36 15.01
CA THR A 165 16.42 3.37 16.46
C THR A 165 15.64 4.64 16.88
N LYS A 166 15.93 5.77 16.26
CA LYS A 166 15.23 7.02 16.58
CA LYS A 166 15.25 7.02 16.58
C LYS A 166 13.75 6.93 16.27
N ILE A 167 13.41 6.37 15.12
CA ILE A 167 11.98 6.27 14.80
C ILE A 167 11.28 5.25 15.69
N GLY A 168 11.96 4.16 16.02
CA GLY A 168 11.41 3.19 16.97
C GLY A 168 11.13 3.84 18.33
N LYS A 169 12.08 4.62 18.83
CA LYS A 169 11.87 5.30 20.11
CA LYS A 169 11.89 5.33 20.10
C LYS A 169 10.67 6.26 20.05
N MET A 170 10.53 7.00 18.95
CA MET A 170 9.41 7.91 18.77
C MET A 170 8.07 7.12 18.79
N ALA A 171 8.07 5.94 18.17
CA ALA A 171 6.83 5.12 18.14
C ALA A 171 6.44 4.71 19.56
N PHE A 172 7.42 4.33 20.39
CA PHE A 172 7.11 3.95 21.76
C PHE A 172 6.63 5.14 22.56
N GLU A 173 7.22 6.30 22.33
CA GLU A 173 6.78 7.55 23.01
C GLU A 173 5.32 7.85 22.71
N ILE A 174 4.95 7.66 21.46
CA ILE A 174 3.59 7.95 21.02
C ILE A 174 2.65 6.88 21.58
N ALA A 175 3.08 5.62 21.57
CA ALA A 175 2.26 4.55 22.17
C ALA A 175 2.02 4.81 23.66
N LYS A 176 3.06 5.24 24.37
CA LYS A 176 2.93 5.51 25.81
C LYS A 176 1.99 6.68 26.04
N SER A 177 2.09 7.71 25.19
CA SER A 177 1.23 8.88 25.32
CA SER A 177 1.23 8.89 25.28
C SER A 177 -0.25 8.52 25.12
N ARG A 178 -0.53 7.71 24.11
CA ARG A 178 -1.90 7.27 23.85
C ARG A 178 -2.43 6.40 24.97
N GLN A 179 -1.56 5.58 25.56
CA GLN A 179 -1.97 4.75 26.65
C GLN A 179 -2.31 5.61 27.90
N LYS A 180 -1.54 6.68 28.10
CA LYS A 180 -1.79 7.56 29.27
C LYS A 180 -3.15 8.24 29.10
N ILE A 181 -3.49 8.62 27.88
CA ILE A 181 -4.83 9.18 27.59
C ILE A 181 -5.96 8.18 27.90
N ARG A 182 -5.82 6.92 27.50
CA ARG A 182 -6.80 5.86 27.84
C ARG A 182 -6.99 5.73 29.33
N GLU A 183 -5.87 5.76 30.05
CA GLU A 183 -5.85 5.57 31.50
C GLU A 183 -6.48 6.75 32.25
N SER A 184 -6.50 7.91 31.60
CA SER A 184 -7.15 9.12 32.15
C SER A 184 -8.67 8.99 32.06
N GLY A 185 -9.15 7.99 31.33
CA GLY A 185 -10.58 7.70 31.23
C GLY A 185 -11.23 8.10 29.92
N THR A 186 -10.43 8.47 28.93
CA THR A 186 -10.95 8.78 27.60
C THR A 186 -11.13 7.46 26.85
N TYR A 187 -12.37 7.21 26.41
CA TYR A 187 -12.66 5.98 25.66
C TYR A 187 -11.77 5.78 24.43
N SER A 188 -11.35 4.54 24.27
CA SER A 188 -10.56 4.13 23.12
C SER A 188 -11.01 2.74 22.65
N ILE A 189 -10.96 2.52 21.32
CA ILE A 189 -11.19 1.17 20.79
C ILE A 189 -10.10 0.15 21.12
N HIS A 190 -8.97 0.61 21.66
CA HIS A 190 -7.86 -0.27 22.06
C HIS A 190 -7.86 -0.49 23.56
N LYS A 191 -7.71 -1.74 23.92
CA LYS A 191 -7.63 -2.10 25.34
C LYS A 191 -6.18 -2.27 25.78
N LYS A 192 -5.28 -2.49 24.83
CA LYS A 192 -3.85 -2.67 25.08
C LYS A 192 -3.07 -1.82 24.08
N PRO A 193 -1.96 -1.21 24.51
CA PRO A 193 -1.13 -0.43 23.61
C PRO A 193 -0.27 -1.35 22.75
N LEU A 194 -0.01 -0.97 21.50
CA LEU A 194 0.69 -1.88 20.59
C LEU A 194 1.51 -1.06 19.62
N VAL A 195 2.78 -1.42 19.47
CA VAL A 195 3.59 -0.93 18.36
C VAL A 195 3.79 -2.09 17.38
N THR A 196 3.39 -1.86 16.13
CA THR A 196 3.52 -2.82 15.05
C THR A 196 4.61 -2.35 14.12
N ILE A 197 5.63 -3.18 13.95
CA ILE A 197 6.79 -2.84 13.09
C ILE A 197 6.58 -3.40 11.69
N ILE A 198 6.56 -2.52 10.68
CA ILE A 198 6.34 -2.93 9.28
C ILE A 198 7.67 -3.25 8.63
N HIS A 199 7.73 -4.38 7.91
CA HIS A 199 9.00 -4.84 7.32
C HIS A 199 8.69 -5.75 6.14
N LYS A 200 9.69 -6.02 5.31
CA LYS A 200 9.57 -7.06 4.30
C LYS A 200 10.83 -7.93 4.31
N SER A 201 11.11 -8.48 5.48
CA SER A 201 12.32 -9.27 5.73
C SER A 201 12.48 -10.51 4.86
N ASN A 202 11.37 -11.05 4.32
CA ASN A 202 11.48 -12.17 3.37
C ASN A 202 12.23 -11.85 2.09
N VAL A 203 12.36 -10.56 1.76
CA VAL A 203 13.06 -10.12 0.55
C VAL A 203 14.25 -9.24 0.95
N MET A 204 13.99 -8.28 1.84
CA MET A 204 15.02 -7.37 2.35
C MET A 204 15.55 -7.87 3.70
N SER A 205 16.17 -9.03 3.70
CA SER A 205 16.62 -9.63 4.96
CA SER A 205 16.67 -9.67 4.92
C SER A 205 17.62 -8.75 5.72
N VAL A 206 18.52 -8.10 5.01
CA VAL A 206 19.58 -7.30 5.67
C VAL A 206 19.06 -5.92 6.09
N THR A 207 18.49 -5.18 5.14
CA THR A 207 18.04 -3.83 5.44
C THR A 207 16.85 -3.82 6.40
N ASP A 208 15.81 -4.63 6.10
CA ASP A 208 14.67 -4.67 7.00
C ASP A 208 14.96 -5.45 8.28
N GLY A 209 15.90 -6.39 8.21
CA GLY A 209 16.41 -7.04 9.43
C GLY A 209 16.95 -5.98 10.38
N LEU A 210 17.75 -5.06 9.85
CA LEU A 210 18.31 -3.99 10.68
C LEU A 210 17.22 -3.05 11.18
N PHE A 211 16.25 -2.74 10.32
CA PHE A 211 15.13 -1.91 10.77
C PHE A 211 14.37 -2.53 11.94
N ARG A 212 14.03 -3.81 11.81
CA ARG A 212 13.29 -4.52 12.87
C ARG A 212 14.08 -4.60 14.16
N GLU A 213 15.35 -4.96 14.05
CA GLU A 213 16.21 -5.11 15.23
C GLU A 213 16.33 -3.78 15.95
N SER A 214 16.46 -2.69 15.18
CA SER A 214 16.63 -1.35 15.74
C SER A 214 15.34 -0.91 16.44
N CYS A 215 14.19 -1.15 15.81
CA CYS A 215 12.92 -0.83 16.47
C CYS A 215 12.68 -1.63 17.74
N ARG A 216 13.00 -2.92 17.72
CA ARG A 216 12.84 -3.73 18.92
C ARG A 216 13.77 -3.26 20.03
N HIS A 217 14.99 -2.89 19.68
CA HIS A 217 15.95 -2.45 20.69
C HIS A 217 15.53 -1.11 21.30
N ALA A 218 14.84 -0.27 20.52
CA ALA A 218 14.41 1.04 21.00
C ALA A 218 13.55 0.92 22.26
N GLN A 219 12.82 -0.19 22.37
CA GLN A 219 11.98 -0.39 23.55
C GLN A 219 12.80 -0.43 24.84
N SER A 220 14.05 -0.89 24.75
CA SER A 220 14.93 -1.01 25.92
CA SER A 220 14.88 -1.00 25.94
C SER A 220 15.45 0.33 26.41
N LEU A 221 15.27 1.40 25.61
CA LEU A 221 15.88 2.70 25.93
C LEU A 221 15.21 3.51 27.02
N ASP A 222 14.01 3.09 27.44
CA ASP A 222 13.36 3.71 28.58
C ASP A 222 12.48 2.67 29.22
N PRO A 223 12.54 2.52 30.56
CA PRO A 223 11.74 1.51 31.25
C PRO A 223 10.22 1.72 31.09
N SER A 224 9.79 2.96 30.86
CA SER A 224 8.38 3.27 30.70
C SER A 224 7.85 2.73 29.37
N TYR A 225 8.73 2.28 28.48
CA TYR A 225 8.27 1.60 27.25
C TYR A 225 7.98 0.13 27.42
N ALA A 226 8.34 -0.46 28.57
CA ALA A 226 8.35 -1.92 28.70
C ALA A 226 6.96 -2.55 28.67
N SER A 227 5.92 -1.77 29.01
CA SER A 227 4.56 -2.31 29.07
CA SER A 227 4.55 -2.26 29.08
C SER A 227 3.85 -2.28 27.72
N ILE A 228 4.46 -1.62 26.75
CA ILE A 228 3.88 -1.55 25.41
CA ILE A 228 3.89 -1.54 25.40
C ILE A 228 4.08 -2.88 24.70
N ASN A 229 3.02 -3.40 24.11
CA ASN A 229 3.17 -4.63 23.33
C ASN A 229 3.82 -4.36 21.99
N VAL A 230 4.57 -5.34 21.48
CA VAL A 230 5.23 -5.21 20.18
C VAL A 230 4.92 -6.40 19.28
N ASP A 231 4.58 -6.13 18.03
CA ASP A 231 4.52 -7.18 17.03
C ASP A 231 5.05 -6.66 15.68
N GLU A 232 5.00 -7.54 14.69
CA GLU A 232 5.59 -7.29 13.38
C GLU A 232 4.55 -7.62 12.30
N GLN A 233 4.56 -6.83 11.22
CA GLN A 233 3.57 -7.03 10.17
C GLN A 233 4.32 -6.90 8.86
N ILE A 234 4.17 -7.91 8.02
N ILE A 234 4.19 -7.92 8.03
CA ILE A 234 4.84 -7.94 6.75
CA ILE A 234 4.86 -7.90 6.75
C ILE A 234 4.13 -7.00 5.79
C ILE A 234 4.13 -6.97 5.81
N VAL A 235 4.92 -6.37 4.94
CA VAL A 235 4.41 -5.53 3.88
C VAL A 235 3.44 -6.31 2.99
N ASP A 236 3.66 -7.62 2.82
CA ASP A 236 2.84 -8.48 1.96
C ASP A 236 1.34 -8.38 2.23
N SER A 237 0.98 -8.08 3.49
CA SER A 237 -0.43 -8.13 3.94
C SER A 237 -0.85 -6.92 4.77
N MET A 238 -0.01 -5.89 4.76
N MET A 238 -0.02 -5.89 4.88
CA MET A 238 -0.24 -4.71 5.56
CA MET A 238 -0.44 -4.80 5.74
C MET A 238 -1.50 -3.98 5.12
C MET A 238 -1.59 -3.98 5.14
N VAL A 239 -1.60 -3.77 3.81
CA VAL A 239 -2.73 -3.06 3.21
C VAL A 239 -3.98 -3.94 3.31
N TYR A 240 -3.84 -5.26 3.16
CA TYR A 240 -4.96 -6.15 3.32
C TYR A 240 -5.62 -5.96 4.67
N ARG A 241 -4.78 -5.99 5.72
CA ARG A 241 -5.32 -5.87 7.08
C ARG A 241 -5.82 -4.46 7.34
N LEU A 242 -5.13 -3.45 6.81
CA LEU A 242 -5.56 -2.07 7.01
C LEU A 242 -6.95 -1.83 6.49
N PHE A 243 -7.29 -2.42 5.34
CA PHE A 243 -8.57 -2.17 4.71
C PHE A 243 -9.71 -2.99 5.34
N ARG A 244 -9.36 -4.14 5.91
CA ARG A 244 -10.37 -5.07 6.42
C ARG A 244 -10.59 -5.00 7.92
N GLU A 245 -9.52 -4.73 8.66
CA GLU A 245 -9.57 -4.71 10.11
C GLU A 245 -8.64 -3.62 10.64
N PRO A 246 -8.91 -2.36 10.27
CA PRO A 246 -8.03 -1.28 10.74
C PRO A 246 -8.06 -1.08 12.25
N GLU A 247 -9.12 -1.56 12.87
CA GLU A 247 -9.28 -1.45 14.32
C GLU A 247 -8.18 -2.22 15.07
N CYS A 248 -7.45 -3.08 14.38
CA CYS A 248 -6.40 -3.87 15.01
C CYS A 248 -5.08 -3.13 15.23
N PHE A 249 -4.97 -1.91 14.68
CA PHE A 249 -3.71 -1.17 14.71
C PHE A 249 -3.79 -0.01 15.67
N ASP A 250 -2.76 0.12 16.50
CA ASP A 250 -2.59 1.25 17.43
C ASP A 250 -1.50 2.13 16.84
N VAL A 251 -0.25 1.92 17.24
CA VAL A 251 0.87 2.64 16.66
C VAL A 251 1.59 1.72 15.66
N VAL A 252 1.89 2.25 14.47
CA VAL A 252 2.54 1.49 13.41
C VAL A 252 3.83 2.22 13.06
N VAL A 253 4.96 1.54 13.13
CA VAL A 253 6.24 2.19 12.80
C VAL A 253 6.78 1.56 11.52
N ALA A 254 7.25 2.38 10.59
CA ALA A 254 7.67 1.89 9.29
C ALA A 254 8.80 2.67 8.75
N PRO A 255 9.62 2.04 7.90
CA PRO A 255 10.61 2.81 7.14
C PRO A 255 9.91 3.67 6.08
N ASN A 256 10.71 4.49 5.39
CA ASN A 256 10.19 5.61 4.64
C ASN A 256 9.17 5.19 3.57
N LEU A 257 9.53 4.28 2.65
CA LEU A 257 8.61 3.95 1.56
C LEU A 257 7.36 3.23 2.03
N TYR A 258 7.55 2.22 2.88
CA TYR A 258 6.39 1.47 3.37
C TYR A 258 5.44 2.39 4.13
N GLY A 259 5.98 3.30 4.94
CA GLY A 259 5.18 4.24 5.72
C GLY A 259 4.46 5.24 4.83
N ASP A 260 5.13 5.70 3.77
CA ASP A 260 4.50 6.61 2.80
C ASP A 260 3.27 5.95 2.20
N ILE A 261 3.41 4.70 1.77
CA ILE A 261 2.30 4.03 1.12
C ILE A 261 1.17 3.71 2.13
N LEU A 262 1.54 3.22 3.32
N LEU A 262 1.56 3.22 3.31
CA LEU A 262 0.53 2.83 4.30
CA LEU A 262 0.56 2.84 4.31
C LEU A 262 -0.26 4.04 4.85
C LEU A 262 -0.25 4.05 4.79
N SER A 263 0.43 5.17 4.98
CA SER A 263 -0.20 6.39 5.47
CA SER A 263 -0.24 6.36 5.50
C SER A 263 -1.25 6.89 4.50
N ASP A 264 -0.93 6.83 3.22
CA ASP A 264 -1.91 7.26 2.23
C ASP A 264 -3.06 6.27 2.12
N GLY A 265 -2.78 4.98 2.25
CA GLY A 265 -3.88 4.02 2.33
C GLY A 265 -4.80 4.28 3.52
N ALA A 266 -4.19 4.56 4.67
CA ALA A 266 -4.97 4.73 5.88
C ALA A 266 -5.83 6.01 5.77
N ALA A 267 -5.32 7.03 5.09
CA ALA A 267 -6.11 8.25 4.87
C ALA A 267 -7.44 7.97 4.18
N SER A 268 -7.50 6.93 3.37
CA SER A 268 -8.71 6.65 2.60
CA SER A 268 -8.72 6.66 2.60
C SER A 268 -9.88 6.18 3.48
N LEU A 269 -9.56 5.77 4.70
CA LEU A 269 -10.53 5.13 5.58
C LEU A 269 -11.52 6.11 6.19
N ILE A 270 -11.17 7.39 6.21
CA ILE A 270 -11.99 8.33 7.00
C ILE A 270 -12.71 9.43 6.20
N GLY A 271 -13.00 9.17 4.94
CA GLY A 271 -13.83 10.10 4.14
C GLY A 271 -12.99 11.18 3.50
N SER A 272 -13.36 12.45 3.69
CA SER A 272 -12.70 13.53 2.96
C SER A 272 -11.24 13.73 3.34
N LEU A 273 -10.40 13.95 2.33
CA LEU A 273 -8.99 14.28 2.57
C LEU A 273 -8.82 15.59 3.37
N GLY A 274 -9.88 16.40 3.35
CA GLY A 274 -9.92 17.63 4.12
C GLY A 274 -9.94 17.43 5.61
N LEU A 275 -9.98 16.15 6.03
CA LEU A 275 -10.05 15.79 7.44
C LEU A 275 -8.75 15.25 7.99
N VAL A 276 -7.75 15.02 7.13
CA VAL A 276 -6.59 14.20 7.51
C VAL A 276 -5.34 15.02 7.94
N PRO A 277 -4.91 14.87 9.21
CA PRO A 277 -3.81 15.65 9.77
C PRO A 277 -2.44 15.02 9.64
N SER A 278 -1.40 15.83 9.85
CA SER A 278 -0.05 15.28 10.01
C SER A 278 0.82 16.22 10.81
N ALA A 279 1.89 15.67 11.34
CA ALA A 279 2.98 16.50 11.87
C ALA A 279 4.30 15.91 11.55
N ASN A 280 5.30 16.77 11.35
CA ASN A 280 6.67 16.38 11.15
C ASN A 280 7.40 16.71 12.47
N VAL A 281 8.04 15.72 13.09
CA VAL A 281 8.53 15.89 14.50
C VAL A 281 10.02 15.59 14.57
N GLY A 282 10.75 16.45 15.26
CA GLY A 282 12.15 16.21 15.55
C GLY A 282 12.40 16.39 17.04
N ASP A 283 13.67 16.36 17.42
CA ASP A 283 14.02 16.48 18.83
C ASP A 283 13.83 17.89 19.39
N ASN A 284 13.80 18.90 18.52
CA ASN A 284 13.82 20.30 18.96
C ASN A 284 12.78 21.17 18.30
N PHE A 285 11.87 20.54 17.55
CA PHE A 285 10.91 21.28 16.77
C PHE A 285 9.81 20.36 16.29
N VAL A 286 8.65 20.96 16.00
CA VAL A 286 7.51 20.24 15.42
CA VAL A 286 7.48 20.26 15.44
C VAL A 286 6.83 21.17 14.42
N MET A 287 6.48 20.60 13.28
CA MET A 287 5.77 21.37 12.25
C MET A 287 4.49 20.63 11.89
N SER A 288 3.33 21.25 12.13
CA SER A 288 2.05 20.68 11.72
CA SER A 288 2.03 20.70 11.70
C SER A 288 1.83 20.97 10.22
N GLU A 289 1.11 20.07 9.55
CA GLU A 289 0.84 20.19 8.11
C GLU A 289 -0.37 19.35 7.72
N PRO A 290 -1.38 19.94 7.07
CA PRO A 290 -2.46 19.01 6.56
C PRO A 290 -1.94 18.13 5.46
N VAL A 291 -2.54 16.94 5.30
CA VAL A 291 -2.15 16.01 4.25
C VAL A 291 -2.54 16.48 2.85
N HIS A 292 -3.65 17.20 2.72
CA HIS A 292 -4.09 17.69 1.42
C HIS A 292 -3.05 18.66 0.84
N GLY A 293 -3.16 18.88 -0.46
CA GLY A 293 -2.32 19.84 -1.13
C GLY A 293 -2.95 21.20 -1.23
N SER A 294 -2.53 21.95 -2.25
CA SER A 294 -2.92 23.34 -2.40
C SER A 294 -4.28 23.57 -3.05
N ALA A 295 -4.84 22.50 -3.62
CA ALA A 295 -6.20 22.51 -4.16
C ALA A 295 -6.50 23.76 -5.02
N PRO A 296 -5.73 23.95 -6.13
CA PRO A 296 -5.92 25.12 -6.97
C PRO A 296 -7.33 25.21 -7.61
N ASP A 297 -8.03 24.07 -7.71
CA ASP A 297 -9.36 24.09 -8.32
CA ASP A 297 -9.38 24.00 -8.27
C ASP A 297 -10.40 24.81 -7.46
N ILE A 298 -10.14 24.92 -6.16
CA ILE A 298 -11.02 25.63 -5.22
C ILE A 298 -10.37 26.82 -4.50
N ALA A 299 -9.07 27.02 -4.67
CA ALA A 299 -8.38 28.14 -3.97
C ALA A 299 -9.04 29.49 -4.28
N GLY A 300 -9.19 30.32 -3.24
CA GLY A 300 -9.82 31.65 -3.39
C GLY A 300 -11.33 31.72 -3.38
N ARG A 301 -12.00 30.58 -3.19
CA ARG A 301 -13.46 30.50 -3.23
CA ARG A 301 -13.46 30.49 -3.24
C ARG A 301 -14.09 30.40 -1.85
N GLY A 302 -13.24 30.43 -0.81
CA GLY A 302 -13.74 30.42 0.56
C GLY A 302 -14.43 29.15 0.99
N ILE A 303 -14.07 28.02 0.35
CA ILE A 303 -14.72 26.72 0.61
C ILE A 303 -13.77 25.59 1.07
N ALA A 304 -12.48 25.91 1.19
CA ALA A 304 -11.53 24.94 1.71
C ALA A 304 -11.93 24.43 3.10
N ASN A 305 -11.72 23.14 3.34
CA ASN A 305 -12.02 22.58 4.65
C ASN A 305 -10.83 22.76 5.56
N PRO A 306 -10.99 23.51 6.66
CA PRO A 306 -9.84 23.73 7.54
C PRO A 306 -9.66 22.67 8.64
N VAL A 307 -10.48 21.63 8.62
CA VAL A 307 -10.40 20.61 9.67
C VAL A 307 -9.06 19.87 9.75
N ALA A 308 -8.49 19.47 8.60
CA ALA A 308 -7.18 18.80 8.63
C ALA A 308 -6.17 19.67 9.32
N THR A 309 -6.23 20.98 9.04
CA THR A 309 -5.27 21.92 9.64
C THR A 309 -5.55 22.05 11.14
N PHE A 310 -6.81 22.14 11.54
CA PHE A 310 -7.11 22.21 12.99
C PHE A 310 -6.59 20.96 13.71
N ARG A 311 -6.80 19.79 13.11
CA ARG A 311 -6.35 18.55 13.73
C ARG A 311 -4.84 18.45 13.77
N SER A 312 -4.18 19.03 12.76
CA SER A 312 -2.70 19.06 12.72
C SER A 312 -2.15 19.99 13.81
N VAL A 313 -2.84 21.11 14.05
CA VAL A 313 -2.49 22.01 15.17
C VAL A 313 -2.64 21.28 16.49
N ALA A 314 -3.74 20.54 16.66
CA ALA A 314 -3.97 19.76 17.87
C ALA A 314 -2.85 18.74 18.04
N LEU A 315 -2.50 18.06 16.94
CA LEU A 315 -1.42 17.05 17.02
C LEU A 315 -0.10 17.68 17.46
N MET A 316 0.22 18.82 16.86
CA MET A 316 1.41 19.57 17.26
CA MET A 316 1.39 19.62 17.26
C MET A 316 1.35 19.89 18.76
N LEU A 317 0.20 20.35 19.24
CA LEU A 317 0.04 20.71 20.66
C LEU A 317 0.27 19.48 21.56
N GLU A 318 -0.14 18.30 21.11
CA GLU A 318 0.14 17.05 21.85
C GLU A 318 1.64 16.85 22.04
N PHE A 319 2.42 17.06 20.98
CA PHE A 319 3.87 16.88 21.05
C PHE A 319 4.57 17.91 21.90
N MET A 320 3.99 19.11 21.96
CA MET A 320 4.52 20.19 22.76
CA MET A 320 4.51 20.22 22.74
C MET A 320 4.11 20.14 24.23
N GLY A 321 3.37 19.11 24.61
CA GLY A 321 2.95 18.94 26.02
C GLY A 321 1.72 19.71 26.45
N HIS A 322 0.85 20.03 25.49
CA HIS A 322 -0.41 20.70 25.77
C HIS A 322 -1.60 19.79 25.43
N GLN A 323 -1.69 18.70 26.19
CA GLN A 323 -2.63 17.64 25.90
C GLN A 323 -4.09 18.09 26.03
N ASP A 324 -4.37 18.91 27.05
CA ASP A 324 -5.74 19.34 27.26
C ASP A 324 -6.25 20.24 26.15
N ALA A 325 -5.43 21.20 25.68
CA ALA A 325 -5.84 22.08 24.59
C ALA A 325 -6.13 21.25 23.34
N ALA A 326 -5.25 20.29 23.06
CA ALA A 326 -5.41 19.41 21.90
C ALA A 326 -6.72 18.63 22.00
N ALA A 327 -6.96 18.06 23.18
CA ALA A 327 -8.16 17.27 23.38
C ALA A 327 -9.39 18.10 23.12
N ASP A 328 -9.38 19.35 23.59
CA ASP A 328 -10.52 20.26 23.40
C ASP A 328 -10.75 20.62 21.92
N ILE A 329 -9.67 20.76 21.15
CA ILE A 329 -9.79 20.98 19.72
C ILE A 329 -10.42 19.76 19.07
N TYR A 330 -9.88 18.57 19.35
CA TYR A 330 -10.47 17.36 18.75
C TYR A 330 -11.97 17.21 19.05
N THR A 331 -12.35 17.48 20.30
CA THR A 331 -13.75 17.40 20.71
C THR A 331 -14.64 18.39 19.94
N ALA A 332 -14.18 19.63 19.80
CA ALA A 332 -14.97 20.68 19.14
C ALA A 332 -15.14 20.35 17.67
N VAL A 333 -14.05 19.88 17.06
CA VAL A 333 -14.07 19.49 15.65
C VAL A 333 -15.04 18.33 15.42
N ASP A 334 -14.93 17.27 16.21
CA ASP A 334 -15.76 16.09 15.98
C ASP A 334 -17.25 16.36 16.18
N LYS A 335 -17.56 17.27 17.11
CA LYS A 335 -18.95 17.69 17.32
C LYS A 335 -19.52 18.35 16.06
N VAL A 336 -18.74 19.23 15.41
CA VAL A 336 -19.20 19.86 14.16
C VAL A 336 -19.47 18.77 13.13
N LEU A 337 -18.51 17.86 12.98
CA LEU A 337 -18.62 16.80 12.00
C LEU A 337 -19.78 15.85 12.26
N THR A 338 -19.97 15.45 13.52
CA THR A 338 -21.06 14.51 13.82
C THR A 338 -22.45 15.12 13.74
N GLU A 339 -22.56 16.41 14.09
CA GLU A 339 -23.84 17.12 13.95
C GLU A 339 -24.24 17.27 12.49
N GLY A 340 -23.24 17.42 11.63
CA GLY A 340 -23.43 17.36 10.18
C GLY A 340 -24.21 18.49 9.55
N LYS A 341 -24.37 19.60 10.26
CA LYS A 341 -25.12 20.76 9.79
C LYS A 341 -24.24 21.68 8.96
N VAL A 342 -23.00 21.88 9.41
CA VAL A 342 -22.10 22.84 8.78
C VAL A 342 -21.01 22.06 8.08
N LEU A 343 -21.17 21.88 6.77
CA LEU A 343 -20.19 21.11 6.02
C LEU A 343 -19.85 21.69 4.65
N THR A 344 -18.55 21.76 4.39
CA THR A 344 -17.99 22.29 3.16
C THR A 344 -18.27 21.33 1.98
N PRO A 345 -18.02 21.75 0.73
CA PRO A 345 -18.34 20.88 -0.42
C PRO A 345 -17.70 19.49 -0.39
N ASP A 346 -16.51 19.38 0.20
CA ASP A 346 -15.80 18.11 0.25
C ASP A 346 -16.47 17.15 1.23
N LEU A 347 -17.31 17.71 2.08
CA LEU A 347 -18.11 16.90 3.02
C LEU A 347 -19.55 16.77 2.51
N GLY A 348 -19.78 17.19 1.26
CA GLY A 348 -21.10 17.07 0.63
C GLY A 348 -22.02 18.27 0.78
N GLY A 349 -21.59 19.29 1.52
CA GLY A 349 -22.41 20.48 1.75
C GLY A 349 -22.09 21.67 0.86
N LYS A 350 -22.59 22.83 1.27
CA LYS A 350 -22.34 24.08 0.55
C LYS A 350 -21.91 25.20 1.52
N SER A 351 -21.38 24.82 2.68
CA SER A 351 -20.88 25.79 3.67
C SER A 351 -19.44 26.18 3.37
N GLY A 352 -19.01 27.31 3.94
CA GLY A 352 -17.67 27.84 3.68
C GLY A 352 -16.71 27.61 4.82
N THR A 353 -15.44 27.90 4.56
CA THR A 353 -14.37 27.83 5.55
C THR A 353 -14.67 28.57 6.84
N ASN A 354 -15.14 29.81 6.71
CA ASN A 354 -15.41 30.66 7.87
C ASN A 354 -16.52 30.07 8.72
N GLU A 355 -17.53 29.49 8.05
CA GLU A 355 -18.66 28.89 8.73
C GLU A 355 -18.21 27.71 9.59
N ILE A 356 -17.32 26.89 9.08
CA ILE A 356 -16.90 25.76 9.85
C ILE A 356 -15.93 26.18 10.98
N THR A 357 -15.04 27.14 10.73
CA THR A 357 -14.24 27.72 11.81
C THR A 357 -15.12 28.26 12.94
N ASP A 358 -16.14 29.06 12.58
CA ASP A 358 -17.05 29.62 13.59
C ASP A 358 -17.72 28.52 14.42
N ALA A 359 -18.11 27.43 13.76
CA ALA A 359 -18.82 26.35 14.43
C ALA A 359 -17.88 25.63 15.38
N VAL A 360 -16.64 25.44 14.95
CA VAL A 360 -15.64 24.83 15.83
C VAL A 360 -15.40 25.70 17.06
N LEU A 361 -15.25 27.00 16.83
CA LEU A 361 -15.07 27.98 17.89
C LEU A 361 -16.27 28.01 18.85
N ALA A 362 -17.48 27.90 18.30
CA ALA A 362 -18.68 27.88 19.15
C ALA A 362 -18.67 26.67 20.09
N ASN A 363 -18.20 25.53 19.59
CA ASN A 363 -18.15 24.31 20.39
C ASN A 363 -17.11 24.37 21.47
N ILE A 364 -15.97 25.00 21.19
CA ILE A 364 -14.83 25.01 22.11
C ILE A 364 -15.01 25.99 23.26
N THR B 8 -8.65 -30.88 -31.50
CA THR B 8 -8.37 -31.67 -30.25
C THR B 8 -6.96 -31.40 -29.74
N ARG B 9 -6.84 -30.80 -28.55
CA ARG B 9 -5.55 -30.48 -27.95
C ARG B 9 -5.42 -31.19 -26.62
N ARG B 10 -4.21 -31.69 -26.34
CA ARG B 10 -3.88 -32.28 -25.04
C ARG B 10 -2.83 -31.41 -24.32
N ILE B 11 -3.13 -31.07 -23.07
CA ILE B 11 -2.24 -30.31 -22.19
C ILE B 11 -1.66 -31.27 -21.14
N VAL B 12 -0.34 -31.31 -21.03
CA VAL B 12 0.31 -32.11 -19.98
C VAL B 12 0.54 -31.15 -18.86
N LEU B 13 -0.18 -31.35 -17.76
CA LEU B 13 -0.22 -30.43 -16.64
C LEU B 13 0.50 -31.00 -15.44
N GLY B 14 1.54 -30.27 -14.97
CA GLY B 14 2.21 -30.66 -13.72
C GLY B 14 1.34 -30.23 -12.55
N LEU B 15 1.01 -31.17 -11.66
CA LEU B 15 0.24 -30.86 -10.45
C LEU B 15 1.22 -30.76 -9.29
N ILE B 16 1.24 -29.59 -8.64
CA ILE B 16 2.17 -29.34 -7.54
C ILE B 16 1.36 -28.89 -6.33
N PRO B 17 0.62 -29.83 -5.68
CA PRO B 17 -0.29 -29.43 -4.61
C PRO B 17 0.43 -28.74 -3.44
N ALA B 18 1.66 -29.18 -3.19
CA ALA B 18 2.48 -28.62 -2.11
C ALA B 18 1.78 -28.79 -0.76
N ASP B 19 1.55 -27.70 -0.02
CA ASP B 19 1.18 -27.88 1.38
C ASP B 19 -0.29 -27.65 1.75
N GLY B 20 -0.71 -28.24 2.86
CA GLY B 20 -2.01 -27.89 3.46
C GLY B 20 -3.17 -28.05 2.49
N ILE B 21 -4.03 -27.02 2.37
CA ILE B 21 -5.21 -27.14 1.50
C ILE B 21 -4.86 -27.22 0.04
N GLY B 22 -3.59 -26.97 -0.29
CA GLY B 22 -3.13 -27.23 -1.66
C GLY B 22 -3.38 -28.66 -2.06
N LYS B 23 -3.25 -29.57 -1.09
CA LYS B 23 -3.53 -31.02 -1.29
C LYS B 23 -5.01 -31.39 -1.52
N GLU B 24 -5.92 -30.43 -1.26
CA GLU B 24 -7.35 -30.63 -1.39
C GLU B 24 -7.94 -29.88 -2.58
N VAL B 25 -7.43 -28.68 -2.81
CA VAL B 25 -7.97 -27.88 -3.92
C VAL B 25 -7.42 -28.30 -5.27
N VAL B 26 -6.20 -28.83 -5.31
CA VAL B 26 -5.63 -29.28 -6.58
C VAL B 26 -6.35 -30.55 -7.10
N PRO B 27 -6.59 -31.56 -6.24
CA PRO B 27 -7.44 -32.68 -6.68
C PRO B 27 -8.82 -32.23 -7.18
N ALA B 28 -9.45 -31.26 -6.52
CA ALA B 28 -10.73 -30.71 -7.02
C ALA B 28 -10.59 -30.14 -8.44
N ALA B 29 -9.51 -29.39 -8.68
CA ALA B 29 -9.25 -28.78 -10.01
C ALA B 29 -8.93 -29.85 -11.06
N ARG B 30 -8.23 -30.91 -10.66
CA ARG B 30 -8.01 -32.04 -11.56
C ARG B 30 -9.34 -32.60 -12.02
N ARG B 31 -10.25 -32.81 -11.09
CA ARG B 31 -11.56 -33.34 -11.42
C ARG B 31 -12.33 -32.38 -12.37
N LEU B 32 -12.24 -31.07 -12.13
CA LEU B 32 -12.84 -30.10 -13.07
C LEU B 32 -12.26 -30.28 -14.47
N MET B 33 -10.94 -30.34 -14.57
CA MET B 33 -10.28 -30.45 -15.85
C MET B 33 -10.64 -31.75 -16.57
N GLU B 34 -10.72 -32.86 -15.83
CA GLU B 34 -11.10 -34.16 -16.40
C GLU B 34 -12.50 -34.18 -16.97
N ASN B 35 -13.34 -33.27 -16.51
CA ASN B 35 -14.75 -33.25 -16.86
C ASN B 35 -15.19 -32.07 -17.74
N LEU B 36 -14.24 -31.39 -18.37
CA LEU B 36 -14.62 -30.34 -19.31
C LEU B 36 -15.46 -30.90 -20.43
N PRO B 37 -16.48 -30.14 -20.88
CA PRO B 37 -17.34 -30.66 -21.94
C PRO B 37 -16.59 -30.87 -23.23
N ALA B 38 -17.07 -31.83 -24.00
CA ALA B 38 -16.45 -32.25 -25.24
C ALA B 38 -16.21 -31.12 -26.24
N LYS B 39 -17.11 -30.12 -26.25
CA LYS B 39 -17.02 -28.98 -27.17
C LYS B 39 -15.74 -28.16 -27.00
N HIS B 40 -15.09 -28.28 -25.84
CA HIS B 40 -13.83 -27.58 -25.60
C HIS B 40 -12.67 -28.26 -26.37
N LYS B 41 -12.86 -29.54 -26.71
CA LYS B 41 -11.85 -30.32 -27.44
C LYS B 41 -10.52 -30.26 -26.69
N LEU B 42 -10.59 -30.38 -25.37
CA LEU B 42 -9.43 -30.23 -24.52
C LEU B 42 -9.32 -31.36 -23.50
N LYS B 43 -8.21 -32.08 -23.56
CA LYS B 43 -7.94 -33.23 -22.69
C LYS B 43 -6.63 -32.92 -21.95
N PHE B 44 -6.42 -33.60 -20.82
CA PHE B 44 -5.27 -33.36 -19.98
C PHE B 44 -4.59 -34.66 -19.63
N ASP B 45 -3.26 -34.59 -19.55
CA ASP B 45 -2.49 -35.63 -18.88
C ASP B 45 -1.88 -34.95 -17.67
N PHE B 46 -1.93 -35.64 -16.54
CA PHE B 46 -1.43 -35.05 -15.31
C PHE B 46 -0.18 -35.75 -14.84
N ILE B 47 0.74 -34.97 -14.29
CA ILE B 47 1.93 -35.54 -13.67
C ILE B 47 2.03 -34.97 -12.27
N ASP B 48 2.16 -35.85 -11.29
CA ASP B 48 2.21 -35.45 -9.88
C ASP B 48 3.62 -35.11 -9.42
N LEU B 49 3.80 -33.86 -8.99
CA LEU B 49 5.12 -33.36 -8.62
C LEU B 49 5.17 -32.95 -7.15
N ASP B 50 6.37 -33.03 -6.57
CA ASP B 50 6.61 -32.70 -5.18
CA ASP B 50 6.59 -32.68 -5.18
C ASP B 50 7.32 -31.35 -5.01
N ALA B 51 6.79 -30.49 -4.15
CA ALA B 51 7.45 -29.25 -3.76
C ALA B 51 6.79 -28.74 -2.49
N GLY B 52 7.52 -27.92 -1.73
CA GLY B 52 6.89 -27.14 -0.65
C GLY B 52 7.57 -27.37 0.68
N TRP B 53 6.94 -26.89 1.75
CA TRP B 53 7.49 -27.03 3.11
C TRP B 53 7.56 -28.51 3.55
N GLY B 54 6.51 -29.28 3.28
CA GLY B 54 6.53 -30.72 3.51
C GLY B 54 7.65 -31.42 2.77
N THR B 55 7.85 -31.08 1.50
CA THR B 55 8.96 -31.63 0.74
C THR B 55 10.29 -31.32 1.42
N PHE B 56 10.44 -30.09 1.89
CA PHE B 56 11.66 -29.70 2.60
C PHE B 56 11.83 -30.48 3.90
N GLU B 57 10.74 -30.72 4.62
CA GLU B 57 10.84 -31.47 5.90
C GLU B 57 11.26 -32.91 5.71
N ARG B 58 10.80 -33.50 4.61
CA ARG B 58 10.99 -34.92 4.31
C ARG B 58 12.31 -35.23 3.58
N THR B 59 12.84 -34.23 2.86
CA THR B 59 13.98 -34.42 1.95
C THR B 59 15.11 -33.40 2.13
N GLY B 60 14.82 -32.29 2.80
CA GLY B 60 15.79 -31.20 2.94
C GLY B 60 15.93 -30.30 1.72
N LYS B 61 15.01 -30.44 0.77
CA LYS B 61 14.94 -29.53 -0.39
C LYS B 61 13.49 -29.16 -0.64
N ALA B 62 13.19 -27.86 -0.68
CA ALA B 62 11.82 -27.43 -0.94
C ALA B 62 11.42 -27.67 -2.39
N LEU B 63 12.38 -27.53 -3.30
CA LEU B 63 12.11 -27.68 -4.72
C LEU B 63 13.07 -28.71 -5.29
N PRO B 64 12.64 -29.98 -5.34
CA PRO B 64 13.53 -31.01 -5.86
C PRO B 64 13.93 -30.73 -7.32
N GLU B 65 15.19 -30.99 -7.67
CA GLU B 65 15.65 -30.82 -9.06
C GLU B 65 14.74 -31.57 -10.05
N ARG B 66 14.30 -32.76 -9.67
CA ARG B 66 13.45 -33.59 -10.51
C ARG B 66 12.14 -32.88 -10.90
N THR B 67 11.57 -32.12 -9.96
CA THR B 67 10.36 -31.34 -10.23
C THR B 67 10.57 -30.35 -11.37
N VAL B 68 11.66 -29.60 -11.31
CA VAL B 68 11.98 -28.62 -12.34
C VAL B 68 12.21 -29.32 -13.69
N GLU B 69 12.96 -30.42 -13.69
CA GLU B 69 13.29 -31.14 -14.92
C GLU B 69 12.04 -31.67 -15.61
N ARG B 70 11.14 -32.22 -14.81
CA ARG B 70 9.88 -32.76 -15.32
C ARG B 70 8.99 -31.66 -15.90
N LEU B 71 8.95 -30.51 -15.26
CA LEU B 71 8.23 -29.35 -15.79
C LEU B 71 8.81 -28.90 -17.13
N LYS B 72 10.15 -28.87 -17.21
CA LYS B 72 10.82 -28.42 -18.43
C LYS B 72 10.69 -29.43 -19.57
N THR B 73 10.75 -30.72 -19.27
CA THR B 73 10.86 -31.72 -20.35
C THR B 73 9.55 -32.43 -20.69
N GLU B 74 8.59 -32.39 -19.77
CA GLU B 74 7.35 -33.15 -19.96
C GLU B 74 6.08 -32.29 -20.01
N CYS B 75 6.08 -31.15 -19.32
CA CYS B 75 4.83 -30.39 -19.11
C CYS B 75 4.64 -29.22 -20.05
N ASN B 76 3.37 -28.88 -20.30
CA ASN B 76 3.04 -27.70 -21.08
C ASN B 76 2.66 -26.55 -20.19
N ALA B 77 2.32 -26.88 -18.94
CA ALA B 77 1.77 -25.95 -17.96
C ALA B 77 1.79 -26.62 -16.59
N ALA B 78 1.45 -25.87 -15.55
CA ALA B 78 1.39 -26.41 -14.20
C ALA B 78 0.37 -25.68 -13.33
N LEU B 79 -0.04 -26.37 -12.27
CA LEU B 79 -0.93 -25.84 -11.25
C LEU B 79 -0.24 -26.03 -9.93
N PHE B 80 0.00 -24.91 -9.24
CA PHE B 80 0.58 -24.94 -7.93
C PHE B 80 -0.53 -24.70 -6.92
N GLY B 81 -0.46 -25.41 -5.81
N GLY B 81 -0.42 -25.36 -5.76
CA GLY B 81 -1.39 -25.23 -4.71
CA GLY B 81 -1.41 -25.38 -4.69
C GLY B 81 -0.88 -24.10 -3.85
C GLY B 81 -1.28 -24.31 -3.60
N ALA B 82 -0.25 -24.45 -2.74
CA ALA B 82 0.16 -23.43 -1.75
C ALA B 82 1.37 -23.90 -0.96
N VAL B 83 2.23 -22.98 -0.54
CA VAL B 83 3.37 -23.33 0.33
C VAL B 83 3.10 -22.81 1.74
N GLN B 84 3.42 -23.64 2.71
CA GLN B 84 3.44 -23.17 4.10
C GLN B 84 4.79 -22.50 4.39
N SER B 85 4.84 -21.19 4.18
CA SER B 85 6.09 -20.43 4.36
C SER B 85 6.42 -20.25 5.83
N PRO B 86 7.68 -20.54 6.22
CA PRO B 86 8.11 -20.24 7.59
C PRO B 86 8.12 -18.73 7.83
N THR B 87 8.02 -18.35 9.11
CA THR B 87 7.92 -16.94 9.49
C THR B 87 9.31 -16.34 9.74
N HIS B 88 10.32 -17.22 9.75
CA HIS B 88 11.73 -16.85 9.94
C HIS B 88 12.62 -17.59 8.93
N LYS B 89 13.83 -17.07 8.69
CA LYS B 89 14.80 -17.75 7.83
C LYS B 89 15.18 -19.13 8.40
N VAL B 90 15.22 -20.14 7.51
CA VAL B 90 15.58 -21.51 7.86
C VAL B 90 16.72 -21.96 6.95
N ALA B 91 17.81 -22.45 7.54
CA ALA B 91 18.96 -22.91 6.77
C ALA B 91 18.57 -24.02 5.78
N GLY B 92 19.05 -23.87 4.55
CA GLY B 92 18.74 -24.80 3.46
C GLY B 92 17.40 -24.57 2.77
N TYR B 93 16.61 -23.62 3.28
CA TYR B 93 15.27 -23.32 2.73
C TYR B 93 15.21 -22.00 1.99
N SER B 94 14.73 -22.06 0.76
CA SER B 94 14.29 -20.87 0.02
C SER B 94 12.95 -21.20 -0.62
N SER B 95 12.11 -20.18 -0.78
CA SER B 95 10.73 -20.36 -1.27
C SER B 95 10.70 -21.12 -2.60
N PRO B 96 9.98 -22.26 -2.62
CA PRO B 96 9.95 -23.03 -3.88
C PRO B 96 9.15 -22.35 -5.01
N ILE B 97 8.14 -21.54 -4.66
CA ILE B 97 7.37 -20.77 -5.66
C ILE B 97 8.23 -19.71 -6.27
N VAL B 98 9.04 -19.04 -5.44
CA VAL B 98 9.97 -18.03 -5.96
C VAL B 98 10.98 -18.65 -6.93
N ALA B 99 11.57 -19.78 -6.53
CA ALA B 99 12.48 -20.55 -7.35
C ALA B 99 11.85 -21.08 -8.65
N LEU B 100 10.64 -21.63 -8.55
CA LEU B 100 9.94 -22.14 -9.73
C LEU B 100 9.70 -21.07 -10.77
N ARG B 101 9.22 -19.91 -10.33
CA ARG B 101 9.00 -18.80 -11.22
C ARG B 101 10.27 -18.40 -11.95
N LYS B 102 11.39 -18.27 -11.21
CA LYS B 102 12.69 -17.98 -11.83
C LYS B 102 13.05 -19.02 -12.88
N LYS B 103 12.99 -20.29 -12.49
CA LYS B 103 13.48 -21.37 -13.34
C LYS B 103 12.66 -21.59 -14.61
N MET B 104 11.34 -21.36 -14.51
CA MET B 104 10.42 -21.53 -15.63
C MET B 104 10.23 -20.26 -16.43
N GLY B 105 10.94 -19.22 -16.05
CA GLY B 105 10.89 -17.96 -16.80
C GLY B 105 9.58 -17.22 -16.68
N LEU B 106 8.94 -17.31 -15.52
CA LEU B 106 7.62 -16.74 -15.31
C LEU B 106 7.74 -15.34 -14.73
N TYR B 107 7.89 -14.39 -15.63
CA TYR B 107 8.23 -13.02 -15.27
C TYR B 107 7.06 -12.17 -14.85
N ALA B 108 5.85 -12.63 -15.14
CA ALA B 108 4.64 -11.90 -14.78
C ALA B 108 3.83 -12.61 -13.71
N ASN B 109 3.35 -11.86 -12.73
CA ASN B 109 2.38 -12.35 -11.78
C ASN B 109 1.06 -11.61 -12.02
N VAL B 110 0.01 -12.36 -12.32
CA VAL B 110 -1.24 -11.77 -12.84
C VAL B 110 -2.36 -12.12 -11.89
N ARG B 111 -2.96 -11.08 -11.27
CA ARG B 111 -4.01 -11.31 -10.28
C ARG B 111 -5.28 -10.57 -10.64
N PRO B 112 -6.27 -11.28 -11.18
CA PRO B 112 -7.59 -10.67 -11.41
C PRO B 112 -8.33 -10.50 -10.09
N VAL B 113 -8.91 -9.32 -9.89
CA VAL B 113 -9.80 -9.03 -8.75
C VAL B 113 -11.14 -8.58 -9.32
N LYS B 114 -12.15 -9.44 -9.20
CA LYS B 114 -13.41 -9.26 -9.90
C LYS B 114 -14.52 -9.68 -8.98
N SER B 115 -15.33 -8.71 -8.54
CA SER B 115 -16.47 -9.03 -7.70
C SER B 115 -17.56 -9.72 -8.51
N LEU B 116 -18.34 -10.56 -7.83
CA LEU B 116 -19.48 -11.20 -8.48
C LEU B 116 -20.67 -10.26 -8.45
N ASP B 117 -21.39 -10.12 -9.57
CA ASP B 117 -22.60 -9.27 -9.56
C ASP B 117 -23.52 -9.73 -8.46
N GLY B 118 -23.92 -8.80 -7.60
CA GLY B 118 -24.87 -9.13 -6.54
C GLY B 118 -24.23 -9.50 -5.20
N ALA B 119 -22.91 -9.70 -5.19
CA ALA B 119 -22.22 -10.03 -3.94
C ALA B 119 -22.20 -8.81 -3.03
N LYS B 120 -21.99 -9.07 -1.73
CA LYS B 120 -21.67 -8.00 -0.80
C LYS B 120 -20.34 -7.42 -1.24
N GLY B 121 -20.10 -6.16 -0.98
CA GLY B 121 -18.78 -5.64 -1.30
C GLY B 121 -18.76 -4.65 -2.42
N LYS B 122 -17.66 -3.93 -2.50
CA LYS B 122 -17.51 -2.85 -3.49
C LYS B 122 -17.28 -3.45 -4.87
N PRO B 123 -18.05 -3.05 -5.88
CA PRO B 123 -17.76 -3.62 -7.20
C PRO B 123 -16.37 -3.29 -7.71
N VAL B 124 -15.74 -4.29 -8.29
CA VAL B 124 -14.37 -4.18 -8.78
C VAL B 124 -14.20 -5.18 -9.92
N ASP B 125 -13.43 -4.80 -10.94
CA ASP B 125 -13.15 -5.71 -12.06
C ASP B 125 -11.83 -5.25 -12.67
N LEU B 126 -10.74 -5.70 -12.06
CA LEU B 126 -9.41 -5.25 -12.50
C LEU B 126 -8.46 -6.44 -12.60
N VAL B 127 -7.27 -6.20 -13.15
CA VAL B 127 -6.20 -7.17 -13.06
C VAL B 127 -4.93 -6.43 -12.70
N ILE B 128 -4.24 -6.93 -11.68
CA ILE B 128 -2.91 -6.40 -11.37
C ILE B 128 -1.88 -7.25 -12.11
N VAL B 129 -1.07 -6.59 -12.96
CA VAL B 129 -0.02 -7.24 -13.72
C VAL B 129 1.30 -6.80 -13.10
N ARG B 130 1.88 -7.67 -12.29
CA ARG B 130 3.06 -7.36 -11.49
C ARG B 130 4.30 -7.92 -12.14
N GLU B 131 5.27 -7.05 -12.41
CA GLU B 131 6.57 -7.52 -12.87
C GLU B 131 7.20 -8.28 -11.71
N ASN B 132 7.67 -9.51 -11.98
CA ASN B 132 8.04 -10.37 -10.87
C ASN B 132 9.47 -10.92 -10.93
N THR B 133 10.40 -10.10 -11.42
CA THR B 133 11.81 -10.55 -11.56
C THR B 133 12.80 -9.62 -10.89
N GLU B 134 12.49 -8.33 -10.79
CA GLU B 134 13.55 -7.35 -10.40
C GLU B 134 13.06 -6.37 -9.31
N CYS B 135 13.27 -5.07 -9.48
CA CYS B 135 13.02 -4.11 -8.38
C CYS B 135 13.94 -4.51 -7.19
N LEU B 136 13.45 -4.40 -5.96
CA LEU B 136 14.25 -4.80 -4.79
C LEU B 136 14.39 -6.32 -4.64
N TYR B 137 13.60 -7.06 -5.41
CA TYR B 137 13.57 -8.54 -5.32
C TYR B 137 14.77 -9.19 -6.00
N VAL B 138 15.68 -8.36 -6.50
CA VAL B 138 16.98 -8.89 -6.93
C VAL B 138 17.79 -9.37 -5.70
N LYS B 139 17.34 -8.99 -4.50
N LYS B 139 17.35 -8.95 -4.52
CA LYS B 139 17.99 -9.39 -3.23
CA LYS B 139 17.94 -9.30 -3.23
C LYS B 139 19.50 -9.19 -3.24
C LYS B 139 19.47 -9.18 -3.21
N GLU B 140 19.92 -7.95 -3.50
CA GLU B 140 21.33 -7.61 -3.50
C GLU B 140 21.57 -6.57 -2.40
N GLU B 141 22.07 -7.05 -1.26
CA GLU B 141 22.21 -6.21 -0.07
C GLU B 141 23.58 -6.36 0.55
N ARG B 142 24.05 -5.31 1.21
CA ARG B 142 25.32 -5.34 1.92
C ARG B 142 25.26 -4.54 3.21
N MET B 143 25.91 -5.02 4.27
CA MET B 143 26.09 -4.21 5.46
C MET B 143 27.33 -3.38 5.21
N VAL B 144 27.14 -2.12 4.83
CA VAL B 144 28.28 -1.25 4.41
C VAL B 144 29.11 -0.63 5.53
N GLN B 145 28.49 -0.44 6.69
CA GLN B 145 29.12 0.08 7.90
C GLN B 145 28.73 -0.85 9.02
N ASN B 146 29.72 -1.32 9.78
CA ASN B 146 29.46 -2.39 10.73
C ASN B 146 29.82 -2.04 12.17
N THR B 147 30.15 -0.77 12.42
CA THR B 147 30.41 -0.31 13.77
C THR B 147 29.17 -0.46 14.66
N PRO B 148 29.34 -1.07 15.85
CA PRO B 148 28.18 -1.38 16.69
C PRO B 148 27.42 -0.12 17.12
N GLY B 149 26.10 -0.19 17.01
CA GLY B 149 25.22 0.95 17.27
C GLY B 149 25.08 1.93 16.12
N LYS B 150 25.87 1.72 15.07
CA LYS B 150 25.98 2.70 13.98
C LYS B 150 26.05 1.98 12.63
N ARG B 151 25.41 0.82 12.55
CA ARG B 151 25.43 0.01 11.32
C ARG B 151 24.64 0.72 10.23
N VAL B 152 25.05 0.48 8.99
CA VAL B 152 24.34 0.99 7.83
C VAL B 152 24.26 -0.15 6.82
N ALA B 153 23.05 -0.40 6.33
CA ALA B 153 22.79 -1.43 5.32
C ALA B 153 22.28 -0.79 4.04
N GLU B 154 22.63 -1.39 2.90
CA GLU B 154 22.13 -0.93 1.60
C GLU B 154 21.58 -2.06 0.75
N ALA B 155 20.52 -1.78 0.00
CA ALA B 155 19.98 -2.71 -0.97
C ALA B 155 19.86 -2.08 -2.35
N ILE B 156 19.95 -2.89 -3.39
CA ILE B 156 19.78 -2.38 -4.74
C ILE B 156 18.37 -2.60 -5.26
N ARG B 157 17.75 -1.52 -5.79
CA ARG B 157 16.52 -1.65 -6.59
C ARG B 157 16.90 -1.56 -8.07
N ARG B 158 16.69 -2.64 -8.85
CA ARG B 158 17.04 -2.66 -10.28
C ARG B 158 15.78 -2.63 -11.16
N ILE B 159 15.73 -1.70 -12.11
CA ILE B 159 14.69 -1.65 -13.12
C ILE B 159 15.35 -1.67 -14.50
N SER B 160 14.93 -2.62 -15.33
CA SER B 160 15.52 -2.76 -16.66
CA SER B 160 15.51 -2.81 -16.66
C SER B 160 14.50 -2.53 -17.76
N GLU B 161 14.97 -1.98 -18.87
CA GLU B 161 14.10 -1.71 -20.01
C GLU B 161 13.53 -2.99 -20.61
N GLU B 162 14.34 -4.03 -20.71
CA GLU B 162 13.86 -5.28 -21.30
C GLU B 162 12.76 -5.91 -20.46
N ALA B 163 12.96 -5.96 -19.14
CA ALA B 163 11.96 -6.61 -18.28
C ALA B 163 10.71 -5.77 -18.21
N SER B 164 10.88 -4.45 -18.18
CA SER B 164 9.75 -3.55 -18.07
C SER B 164 8.96 -3.51 -19.36
N THR B 165 9.62 -3.60 -20.50
CA THR B 165 8.90 -3.68 -21.78
C THR B 165 8.05 -4.93 -21.86
N LYS B 166 8.59 -6.04 -21.39
CA LYS B 166 7.90 -7.33 -21.43
C LYS B 166 6.62 -7.27 -20.62
N ILE B 167 6.71 -6.71 -19.41
CA ILE B 167 5.54 -6.64 -18.55
C ILE B 167 4.52 -5.65 -19.10
N GLY B 168 4.98 -4.58 -19.71
CA GLY B 168 4.09 -3.64 -20.36
C GLY B 168 3.35 -4.31 -21.49
N LYS B 169 4.07 -5.04 -22.33
CA LYS B 169 3.45 -5.73 -23.46
C LYS B 169 2.39 -6.70 -22.95
N MET B 170 2.68 -7.41 -21.86
CA MET B 170 1.68 -8.34 -21.34
CA MET B 170 1.73 -8.33 -21.25
C MET B 170 0.44 -7.60 -20.82
N ALA B 171 0.62 -6.42 -20.23
CA ALA B 171 -0.53 -5.64 -19.77
C ALA B 171 -1.44 -5.30 -20.95
N PHE B 172 -0.83 -4.92 -22.07
CA PHE B 172 -1.62 -4.62 -23.28
C PHE B 172 -2.31 -5.85 -23.83
N GLU B 173 -1.63 -7.00 -23.78
CA GLU B 173 -2.28 -8.25 -24.22
C GLU B 173 -3.52 -8.56 -23.40
N ILE B 174 -3.40 -8.39 -22.08
CA ILE B 174 -4.49 -8.69 -21.17
C ILE B 174 -5.64 -7.72 -21.38
N ALA B 175 -5.30 -6.43 -21.57
CA ALA B 175 -6.30 -5.41 -21.85
C ALA B 175 -7.06 -5.73 -23.14
N LYS B 176 -6.33 -6.12 -24.17
CA LYS B 176 -6.93 -6.51 -25.45
C LYS B 176 -7.84 -7.74 -25.29
N SER B 177 -7.37 -8.72 -24.52
CA SER B 177 -8.13 -9.97 -24.30
C SER B 177 -9.44 -9.68 -23.59
N ARG B 178 -9.37 -8.81 -22.58
CA ARG B 178 -10.59 -8.40 -21.86
C ARG B 178 -11.60 -7.64 -22.74
N GLN B 179 -11.10 -6.79 -23.62
CA GLN B 179 -11.97 -6.08 -24.56
C GLN B 179 -12.65 -7.05 -25.55
N LYS B 180 -11.91 -8.08 -26.00
CA LYS B 180 -12.47 -9.13 -26.87
C LYS B 180 -13.60 -9.88 -26.15
N ILE B 181 -13.44 -10.11 -24.84
CA ILE B 181 -14.51 -10.72 -24.05
C ILE B 181 -15.77 -9.82 -23.97
N ARG B 182 -15.59 -8.52 -23.73
CA ARG B 182 -16.71 -7.56 -23.75
C ARG B 182 -17.44 -7.58 -25.08
N GLU B 183 -16.68 -7.59 -26.17
CA GLU B 183 -17.26 -7.57 -27.52
C GLU B 183 -18.00 -8.86 -27.88
N SER B 184 -17.65 -9.95 -27.19
CA SER B 184 -18.31 -11.25 -27.36
C SER B 184 -19.67 -11.25 -26.66
N GLY B 185 -19.91 -10.29 -25.79
CA GLY B 185 -21.20 -10.15 -25.13
C GLY B 185 -21.22 -10.23 -23.61
N THR B 186 -20.07 -10.45 -22.99
CA THR B 186 -19.97 -10.49 -21.53
C THR B 186 -20.15 -9.06 -20.96
N TYR B 187 -21.05 -8.90 -19.98
CA TYR B 187 -21.29 -7.58 -19.36
C TYR B 187 -20.05 -7.10 -18.59
N SER B 188 -19.80 -5.79 -18.60
CA SER B 188 -18.62 -5.23 -17.93
C SER B 188 -18.91 -3.83 -17.41
N ILE B 189 -18.31 -3.49 -16.27
CA ILE B 189 -18.37 -2.12 -15.76
C ILE B 189 -17.46 -1.19 -16.53
N HIS B 190 -16.66 -1.73 -17.44
CA HIS B 190 -15.79 -0.89 -18.28
C HIS B 190 -16.31 -0.79 -19.70
N LYS B 191 -16.38 0.43 -20.19
CA LYS B 191 -16.86 0.69 -21.54
C LYS B 191 -15.68 0.63 -22.52
N LYS B 192 -14.49 0.96 -22.00
CA LYS B 192 -13.26 1.07 -22.78
C LYS B 192 -12.12 0.39 -22.02
N PRO B 193 -11.16 -0.20 -22.73
CA PRO B 193 -10.01 -0.78 -22.01
C PRO B 193 -9.00 0.28 -21.56
N LEU B 194 -8.37 0.04 -20.40
CA LEU B 194 -7.43 1.00 -19.85
C LEU B 194 -6.25 0.25 -19.26
N VAL B 195 -5.05 0.70 -19.58
CA VAL B 195 -3.85 0.24 -18.89
C VAL B 195 -3.31 1.40 -18.05
N THR B 196 -3.20 1.17 -16.74
CA THR B 196 -2.68 2.15 -15.78
C THR B 196 -1.27 1.75 -15.36
N ILE B 197 -0.29 2.59 -15.65
CA ILE B 197 1.11 2.35 -15.30
C ILE B 197 1.41 2.98 -13.93
N ILE B 198 1.88 2.16 -13.01
CA ILE B 198 2.15 2.57 -11.62
C ILE B 198 3.60 2.93 -11.41
N HIS B 199 3.82 4.05 -10.69
CA HIS B 199 5.20 4.52 -10.46
C HIS B 199 5.28 5.34 -9.20
N LYS B 200 6.49 5.79 -8.86
CA LYS B 200 6.69 6.78 -7.82
C LYS B 200 7.85 7.67 -8.26
N SER B 201 7.70 8.25 -9.44
CA SER B 201 8.74 9.06 -10.09
CA SER B 201 8.81 9.00 -10.05
C SER B 201 9.20 10.29 -9.33
N ASN B 202 8.36 10.79 -8.43
CA ASN B 202 8.76 11.97 -7.67
C ASN B 202 9.91 11.65 -6.73
N VAL B 203 10.05 10.37 -6.37
CA VAL B 203 11.11 9.84 -5.51
C VAL B 203 12.17 9.07 -6.33
N MET B 204 11.70 8.21 -7.23
CA MET B 204 12.56 7.32 -8.01
C MET B 204 12.57 7.77 -9.46
N SER B 205 13.13 8.95 -9.72
CA SER B 205 13.05 9.55 -11.05
CA SER B 205 13.03 9.55 -11.05
C SER B 205 13.67 8.69 -12.14
N VAL B 206 14.83 8.10 -11.85
CA VAL B 206 15.56 7.34 -12.86
C VAL B 206 14.96 5.95 -13.06
N THR B 207 14.85 5.19 -11.97
CA THR B 207 14.34 3.82 -12.10
C THR B 207 12.88 3.80 -12.54
N ASP B 208 12.01 4.57 -11.88
CA ASP B 208 10.61 4.55 -12.29
C ASP B 208 10.38 5.30 -13.61
N GLY B 209 11.25 6.27 -13.90
CA GLY B 209 11.22 6.90 -15.22
C GLY B 209 11.39 5.88 -16.32
N LEU B 210 12.33 4.96 -16.13
CA LEU B 210 12.58 3.90 -17.11
C LEU B 210 11.43 2.91 -17.15
N PHE B 211 10.85 2.59 -15.99
CA PHE B 211 9.69 1.72 -15.98
C PHE B 211 8.55 2.31 -16.81
N ARG B 212 8.26 3.59 -16.61
CA ARG B 212 7.17 4.25 -17.30
C ARG B 212 7.44 4.28 -18.80
N GLU B 213 8.65 4.70 -19.17
CA GLU B 213 9.00 4.80 -20.59
C GLU B 213 8.79 3.47 -21.30
N SER B 214 9.28 2.41 -20.67
CA SER B 214 9.24 1.06 -21.23
C SER B 214 7.79 0.59 -21.41
N CYS B 215 6.95 0.86 -20.41
CA CYS B 215 5.54 0.46 -20.51
C CYS B 215 4.83 1.27 -21.59
N ARG B 216 5.09 2.57 -21.65
CA ARG B 216 4.45 3.38 -22.69
C ARG B 216 4.88 2.91 -24.07
N HIS B 217 6.17 2.60 -24.23
CA HIS B 217 6.70 2.18 -25.52
C HIS B 217 6.19 0.78 -25.94
N ALA B 218 5.87 -0.07 -24.97
CA ALA B 218 5.29 -1.38 -25.24
C ALA B 218 4.02 -1.29 -26.09
N GLN B 219 3.26 -0.19 -25.95
CA GLN B 219 2.01 -0.03 -26.69
C GLN B 219 2.26 -0.05 -28.20
N SER B 220 3.44 0.43 -28.60
CA SER B 220 3.84 0.48 -30.01
C SER B 220 4.20 -0.90 -30.62
N LEU B 221 4.28 -1.93 -29.79
CA LEU B 221 4.76 -3.24 -30.27
C LEU B 221 3.76 -4.06 -31.07
N ASP B 222 2.49 -3.66 -31.05
CA ASP B 222 1.43 -4.33 -31.81
C ASP B 222 0.39 -3.27 -32.18
N PRO B 223 0.06 -3.15 -33.46
CA PRO B 223 -0.81 -2.01 -33.75
C PRO B 223 -2.20 -2.19 -33.15
N SER B 224 -2.54 -3.43 -32.80
CA SER B 224 -3.82 -3.76 -32.16
C SER B 224 -3.94 -3.20 -30.73
N TYR B 225 -2.84 -2.67 -30.19
CA TYR B 225 -2.86 -2.04 -28.86
C TYR B 225 -3.24 -0.55 -28.91
N ALA B 226 -3.22 0.07 -30.10
CA ALA B 226 -3.26 1.54 -30.20
C ALA B 226 -4.48 2.20 -29.58
N SER B 227 -5.62 1.50 -29.62
CA SER B 227 -6.89 2.05 -29.18
C SER B 227 -7.12 1.92 -27.67
N ILE B 228 -6.21 1.20 -27.00
CA ILE B 228 -6.28 1.02 -25.56
C ILE B 228 -5.85 2.31 -24.90
N ASN B 229 -6.64 2.78 -23.94
CA ASN B 229 -6.32 4.01 -23.23
C ASN B 229 -5.19 3.70 -22.24
N VAL B 230 -4.28 4.65 -22.07
CA VAL B 230 -3.17 4.51 -21.14
C VAL B 230 -3.13 5.70 -20.19
N ASP B 231 -2.94 5.43 -18.90
CA ASP B 231 -2.66 6.51 -17.96
C ASP B 231 -1.60 6.07 -16.95
N GLU B 232 -1.19 7.02 -16.11
CA GLU B 232 -0.09 6.77 -15.17
C GLU B 232 -0.55 7.24 -13.80
N GLN B 233 -0.24 6.45 -12.75
CA GLN B 233 -0.68 6.81 -11.39
CA GLN B 233 -0.64 6.87 -11.41
C GLN B 233 0.42 6.49 -10.38
N ILE B 234 0.55 7.35 -9.37
CA ILE B 234 1.48 7.11 -8.28
CA ILE B 234 1.45 7.16 -8.24
C ILE B 234 0.93 6.00 -7.38
N VAL B 235 1.84 5.09 -6.97
CA VAL B 235 1.44 3.92 -6.16
C VAL B 235 0.58 4.28 -4.93
N ASP B 236 0.99 5.30 -4.17
CA ASP B 236 0.25 5.71 -2.98
C ASP B 236 -1.19 6.11 -3.31
N SER B 237 -1.32 6.84 -4.40
CA SER B 237 -2.63 7.29 -4.89
CA SER B 237 -2.63 7.29 -4.87
C SER B 237 -3.51 6.10 -5.25
N MET B 238 -2.94 5.11 -5.95
CA MET B 238 -3.64 3.88 -6.28
CA MET B 238 -3.76 3.95 -6.29
C MET B 238 -4.16 3.18 -5.03
N VAL B 239 -3.32 3.11 -4.00
CA VAL B 239 -3.73 2.42 -2.76
C VAL B 239 -4.93 3.17 -2.15
N TYR B 240 -4.84 4.51 -2.09
CA TYR B 240 -5.93 5.33 -1.58
C TYR B 240 -7.21 5.12 -2.39
N ARG B 241 -7.06 5.10 -3.73
CA ARG B 241 -8.22 4.95 -4.60
C ARG B 241 -8.82 3.55 -4.59
N LEU B 242 -8.01 2.52 -4.31
CA LEU B 242 -8.56 1.16 -4.27
C LEU B 242 -9.58 0.97 -3.18
N PHE B 243 -9.41 1.66 -2.07
CA PHE B 243 -10.38 1.57 -0.98
C PHE B 243 -11.71 2.19 -1.36
N ARG B 244 -11.67 3.33 -2.07
CA ARG B 244 -12.91 4.06 -2.24
C ARG B 244 -13.53 4.02 -3.63
N GLU B 245 -12.71 3.82 -4.65
CA GLU B 245 -13.25 3.79 -6.03
C GLU B 245 -12.53 2.76 -6.92
N PRO B 246 -12.54 1.51 -6.47
CA PRO B 246 -11.76 0.51 -7.22
C PRO B 246 -12.33 0.20 -8.60
N GLU B 247 -13.58 0.59 -8.84
CA GLU B 247 -14.21 0.43 -10.14
C GLU B 247 -13.54 1.27 -11.25
N CYS B 248 -12.63 2.18 -10.89
CA CYS B 248 -11.99 3.05 -11.88
C CYS B 248 -10.89 2.33 -12.67
N PHE B 249 -10.49 1.12 -12.27
CA PHE B 249 -9.32 0.46 -12.83
C PHE B 249 -9.70 -0.76 -13.67
N ASP B 250 -8.98 -0.94 -14.77
CA ASP B 250 -9.13 -2.11 -15.65
C ASP B 250 -7.84 -2.90 -15.54
N VAL B 251 -6.83 -2.63 -16.37
CA VAL B 251 -5.56 -3.35 -16.24
C VAL B 251 -4.54 -2.41 -15.58
N VAL B 252 -3.78 -2.93 -14.61
CA VAL B 252 -2.85 -2.08 -13.84
C VAL B 252 -1.52 -2.77 -13.95
N VAL B 253 -0.51 -2.09 -14.45
CA VAL B 253 0.83 -2.68 -14.60
C VAL B 253 1.81 -1.96 -13.68
N ALA B 254 2.64 -2.74 -12.99
CA ALA B 254 3.45 -2.21 -11.91
C ALA B 254 4.76 -2.97 -11.75
N PRO B 255 5.81 -2.27 -11.27
CA PRO B 255 7.04 -2.98 -10.95
C PRO B 255 6.83 -3.80 -9.69
N ASN B 256 7.81 -4.62 -9.35
CA ASN B 256 7.59 -5.71 -8.42
C ASN B 256 6.99 -5.31 -7.04
N LEU B 257 7.65 -4.45 -6.28
CA LEU B 257 7.13 -4.10 -4.96
C LEU B 257 5.76 -3.39 -5.03
N TYR B 258 5.63 -2.42 -5.93
CA TYR B 258 4.32 -1.73 -5.99
C TYR B 258 3.23 -2.70 -6.37
N GLY B 259 3.52 -3.61 -7.29
CA GLY B 259 2.52 -4.61 -7.74
C GLY B 259 2.16 -5.60 -6.61
N ASP B 260 3.16 -5.98 -5.81
CA ASP B 260 2.91 -6.85 -4.65
C ASP B 260 1.89 -6.19 -3.73
N ILE B 261 2.17 -4.95 -3.35
CA ILE B 261 1.27 -4.24 -2.44
C ILE B 261 -0.12 -4.00 -3.07
N LEU B 262 -0.15 -3.61 -4.33
CA LEU B 262 -1.43 -3.35 -4.97
C LEU B 262 -2.26 -4.63 -5.14
N SER B 263 -1.61 -5.76 -5.41
CA SER B 263 -2.36 -7.01 -5.58
CA SER B 263 -2.35 -7.02 -5.55
C SER B 263 -3.02 -7.37 -4.23
N ASP B 264 -2.33 -7.09 -3.14
N ASP B 264 -2.33 -7.09 -3.14
CA ASP B 264 -2.85 -7.33 -1.81
CA ASP B 264 -2.86 -7.34 -1.80
C ASP B 264 -4.00 -6.38 -1.47
C ASP B 264 -4.01 -6.37 -1.44
N GLY B 265 -3.82 -5.08 -1.73
CA GLY B 265 -4.88 -4.10 -1.45
C GLY B 265 -6.14 -4.41 -2.26
N ALA B 266 -5.95 -4.79 -3.53
CA ALA B 266 -7.10 -5.08 -4.39
C ALA B 266 -7.80 -6.36 -3.89
N ALA B 267 -7.02 -7.41 -3.54
CA ALA B 267 -7.64 -8.65 -3.08
C ALA B 267 -8.44 -8.46 -1.82
N SER B 268 -8.12 -7.44 -1.02
CA SER B 268 -8.83 -7.18 0.23
C SER B 268 -10.29 -6.85 0.02
N LEU B 269 -10.63 -6.45 -1.22
CA LEU B 269 -12.00 -6.03 -1.52
C LEU B 269 -12.97 -7.19 -1.61
N ILE B 270 -12.42 -8.41 -1.78
CA ILE B 270 -13.24 -9.62 -1.90
C ILE B 270 -13.40 -10.25 -0.50
N GLY B 271 -14.60 -10.68 -0.15
CA GLY B 271 -14.85 -11.19 1.21
C GLY B 271 -13.97 -12.36 1.62
N SER B 272 -13.83 -13.35 0.74
CA SER B 272 -13.01 -14.49 1.05
C SER B 272 -11.90 -14.68 0.05
N LEU B 273 -10.69 -14.85 0.55
CA LEU B 273 -9.56 -15.13 -0.28
C LEU B 273 -9.66 -16.46 -1.08
N GLY B 274 -10.54 -17.35 -0.62
CA GLY B 274 -10.83 -18.60 -1.34
C GLY B 274 -11.47 -18.39 -2.69
N LEU B 275 -11.75 -17.13 -3.02
CA LEU B 275 -12.36 -16.78 -4.32
C LEU B 275 -11.38 -16.15 -5.30
N VAL B 276 -10.16 -15.84 -4.87
CA VAL B 276 -9.27 -14.99 -5.68
C VAL B 276 -8.15 -15.74 -6.42
N PRO B 277 -8.12 -15.67 -7.76
CA PRO B 277 -7.17 -16.49 -8.52
C PRO B 277 -5.90 -15.72 -8.88
N SER B 278 -4.91 -16.44 -9.42
CA SER B 278 -3.76 -15.83 -10.05
C SER B 278 -3.09 -16.80 -11.02
N ALA B 279 -2.21 -16.26 -11.86
CA ALA B 279 -1.35 -17.09 -12.68
C ALA B 279 0.02 -16.45 -12.80
N ASN B 280 1.03 -17.30 -12.91
CA ASN B 280 2.40 -16.88 -13.19
C ASN B 280 2.72 -17.20 -14.66
N VAL B 281 3.10 -16.19 -15.43
CA VAL B 281 3.14 -16.32 -16.89
C VAL B 281 4.53 -16.00 -17.45
N GLY B 282 5.01 -16.86 -18.34
CA GLY B 282 6.25 -16.64 -19.10
C GLY B 282 5.95 -16.85 -20.56
N ASP B 283 6.97 -16.81 -21.41
CA ASP B 283 6.74 -16.87 -22.85
C ASP B 283 6.33 -18.23 -23.35
N ASN B 284 6.81 -19.26 -22.69
CA ASN B 284 6.52 -20.62 -23.14
C ASN B 284 5.89 -21.50 -22.06
N PHE B 285 5.40 -20.86 -21.00
CA PHE B 285 4.89 -21.60 -19.85
C PHE B 285 3.95 -20.76 -19.01
N VAL B 286 2.94 -21.39 -18.41
CA VAL B 286 2.03 -20.74 -17.45
C VAL B 286 1.81 -21.67 -16.27
N MET B 287 1.85 -21.09 -15.07
CA MET B 287 1.57 -21.82 -13.83
C MET B 287 0.45 -21.14 -13.07
N SER B 288 -0.70 -21.80 -13.03
CA SER B 288 -1.85 -21.32 -12.24
C SER B 288 -1.55 -21.49 -10.73
N GLU B 289 -2.17 -20.65 -9.90
CA GLU B 289 -1.90 -20.59 -8.45
C GLU B 289 -2.98 -19.78 -7.72
N PRO B 290 -3.73 -20.41 -6.83
CA PRO B 290 -4.71 -19.61 -6.08
C PRO B 290 -3.97 -18.68 -5.12
N VAL B 291 -4.58 -17.55 -4.77
CA VAL B 291 -3.91 -16.54 -3.95
C VAL B 291 -3.87 -16.90 -2.47
N HIS B 292 -4.82 -17.70 -1.98
CA HIS B 292 -4.86 -18.08 -0.57
C HIS B 292 -3.64 -18.95 -0.25
N GLY B 293 -3.30 -19.00 1.02
CA GLY B 293 -2.14 -19.80 1.44
C GLY B 293 -2.55 -21.23 1.75
N SER B 294 -1.77 -21.88 2.59
CA SER B 294 -1.97 -23.32 2.82
C SER B 294 -3.01 -23.62 3.88
N ALA B 295 -3.49 -22.59 4.58
CA ALA B 295 -4.61 -22.73 5.54
C ALA B 295 -4.54 -23.94 6.49
N PRO B 296 -3.44 -24.03 7.27
CA PRO B 296 -3.23 -25.19 8.13
C PRO B 296 -4.38 -25.40 9.12
N ASP B 297 -5.07 -24.31 9.46
CA ASP B 297 -6.22 -24.31 10.38
C ASP B 297 -7.44 -25.14 9.93
N ILE B 298 -7.57 -25.34 8.61
CA ILE B 298 -8.69 -26.13 8.05
C ILE B 298 -8.22 -27.32 7.21
N ALA B 299 -6.92 -27.39 6.91
CA ALA B 299 -6.40 -28.50 6.11
C ALA B 299 -6.77 -29.87 6.65
N GLY B 300 -7.30 -30.72 5.77
CA GLY B 300 -7.68 -32.10 6.11
C GLY B 300 -9.15 -32.27 6.45
N ARG B 301 -9.85 -31.15 6.64
CA ARG B 301 -11.23 -31.20 7.11
C ARG B 301 -12.27 -31.21 6.00
N GLY B 302 -11.81 -31.18 4.73
CA GLY B 302 -12.70 -31.35 3.58
C GLY B 302 -13.58 -30.17 3.25
N ILE B 303 -13.15 -28.97 3.68
CA ILE B 303 -13.98 -27.77 3.57
C ILE B 303 -13.32 -26.64 2.79
N ALA B 304 -12.09 -26.84 2.32
CA ALA B 304 -11.39 -25.82 1.55
C ALA B 304 -12.17 -25.37 0.32
N ASN B 305 -12.12 -24.06 0.01
CA ASN B 305 -12.86 -23.49 -1.13
C ASN B 305 -12.00 -23.64 -2.38
N PRO B 306 -12.46 -24.43 -3.36
CA PRO B 306 -11.63 -24.65 -4.54
C PRO B 306 -11.92 -23.62 -5.63
N VAL B 307 -12.82 -22.66 -5.36
CA VAL B 307 -13.14 -21.65 -6.42
C VAL B 307 -11.93 -20.84 -6.92
N ALA B 308 -11.08 -20.37 -6.02
CA ALA B 308 -9.88 -19.65 -6.48
C ALA B 308 -9.04 -20.51 -7.43
N THR B 309 -8.88 -21.80 -7.08
CA THR B 309 -8.12 -22.71 -7.94
C THR B 309 -8.81 -22.90 -9.28
N PHE B 310 -10.14 -23.07 -9.28
CA PHE B 310 -10.88 -23.21 -10.56
C PHE B 310 -10.64 -21.98 -11.43
N ARG B 311 -10.73 -20.80 -10.80
CA ARG B 311 -10.57 -19.56 -11.53
C ARG B 311 -9.13 -19.34 -12.00
N SER B 312 -8.17 -19.91 -11.28
CA SER B 312 -6.77 -19.85 -11.73
C SER B 312 -6.52 -20.76 -12.92
N VAL B 313 -7.12 -21.96 -12.90
CA VAL B 313 -7.04 -22.86 -14.02
C VAL B 313 -7.64 -22.17 -15.26
N ALA B 314 -8.77 -21.50 -15.04
CA ALA B 314 -9.40 -20.76 -16.15
C ALA B 314 -8.48 -19.67 -16.66
N LEU B 315 -7.87 -18.91 -15.75
CA LEU B 315 -6.97 -17.84 -16.20
C LEU B 315 -5.79 -18.40 -17.03
N MET B 316 -5.21 -19.50 -16.54
CA MET B 316 -4.17 -20.23 -17.26
C MET B 316 -4.65 -20.66 -18.67
N LEU B 317 -5.87 -21.19 -18.75
CA LEU B 317 -6.43 -21.55 -20.05
C LEU B 317 -6.60 -20.34 -20.99
N GLU B 318 -6.91 -19.16 -20.44
CA GLU B 318 -6.99 -17.95 -21.29
C GLU B 318 -5.63 -17.65 -21.93
N PHE B 319 -4.56 -17.79 -21.16
CA PHE B 319 -3.21 -17.51 -21.67
C PHE B 319 -2.77 -18.58 -22.66
N MET B 320 -3.38 -19.77 -22.59
CA MET B 320 -2.98 -20.87 -23.48
C MET B 320 -3.86 -21.02 -24.73
N GLY B 321 -4.78 -20.07 -24.93
CA GLY B 321 -5.56 -20.00 -26.16
C GLY B 321 -6.81 -20.84 -26.11
N HIS B 322 -7.30 -21.08 -24.89
CA HIS B 322 -8.57 -21.80 -24.68
C HIS B 322 -9.57 -20.88 -24.03
N GLN B 323 -9.86 -19.78 -24.73
CA GLN B 323 -10.76 -18.75 -24.23
C GLN B 323 -12.15 -19.25 -23.89
N ASP B 324 -12.67 -20.14 -24.75
CA ASP B 324 -14.00 -20.72 -24.60
CA ASP B 324 -14.01 -20.70 -24.58
C ASP B 324 -14.11 -21.55 -23.33
N ALA B 325 -13.11 -22.41 -23.11
CA ALA B 325 -13.11 -23.29 -21.96
C ALA B 325 -13.04 -22.44 -20.69
N ALA B 326 -12.20 -21.40 -20.71
CA ALA B 326 -12.14 -20.49 -19.57
C ALA B 326 -13.48 -19.79 -19.30
N ALA B 327 -14.13 -19.26 -20.34
CA ALA B 327 -15.41 -18.56 -20.19
C ALA B 327 -16.44 -19.47 -19.57
N ASP B 328 -16.46 -20.73 -20.00
CA ASP B 328 -17.43 -21.67 -19.47
C ASP B 328 -17.15 -22.07 -18.01
N ILE B 329 -15.88 -22.13 -17.62
CA ILE B 329 -15.55 -22.35 -16.23
C ILE B 329 -16.05 -21.17 -15.41
N TYR B 330 -15.75 -19.94 -15.84
CA TYR B 330 -16.25 -18.78 -15.10
C TYR B 330 -17.78 -18.76 -15.01
N THR B 331 -18.47 -19.07 -16.11
CA THR B 331 -19.94 -19.08 -16.08
C THR B 331 -20.49 -20.10 -15.07
N ALA B 332 -19.89 -21.31 -15.06
CA ALA B 332 -20.35 -22.39 -14.20
C ALA B 332 -20.09 -22.04 -12.75
N VAL B 333 -18.92 -21.49 -12.45
CA VAL B 333 -18.57 -21.09 -11.08
C VAL B 333 -19.51 -19.98 -10.63
N ASP B 334 -19.71 -18.98 -11.49
CA ASP B 334 -20.52 -17.83 -11.08
C ASP B 334 -21.97 -18.19 -10.80
N LYS B 335 -22.49 -19.16 -11.55
CA LYS B 335 -23.86 -19.64 -11.35
C LYS B 335 -24.00 -20.30 -9.97
N VAL B 336 -23.04 -21.13 -9.58
CA VAL B 336 -23.07 -21.77 -8.26
C VAL B 336 -23.07 -20.71 -7.16
N LEU B 337 -22.19 -19.72 -7.28
CA LEU B 337 -22.04 -18.72 -6.24
C LEU B 337 -23.29 -17.84 -6.15
N THR B 338 -23.90 -17.55 -7.30
CA THR B 338 -25.06 -16.66 -7.37
C THR B 338 -26.28 -17.36 -6.76
N GLU B 339 -26.41 -18.65 -7.02
CA GLU B 339 -27.49 -19.43 -6.41
C GLU B 339 -27.33 -19.55 -4.91
N GLY B 340 -26.08 -19.67 -4.45
CA GLY B 340 -25.77 -19.63 -3.01
C GLY B 340 -26.32 -20.78 -2.19
N LYS B 341 -26.53 -21.92 -2.84
CA LYS B 341 -27.10 -23.11 -2.18
C LYS B 341 -26.01 -24.08 -1.75
N VAL B 342 -24.90 -24.09 -2.51
CA VAL B 342 -23.78 -24.97 -2.24
C VAL B 342 -22.59 -24.09 -2.06
N LEU B 343 -22.27 -23.79 -0.81
CA LEU B 343 -21.20 -22.84 -0.45
C LEU B 343 -20.37 -23.39 0.69
N THR B 344 -19.07 -23.17 0.63
CA THR B 344 -18.14 -23.63 1.67
C THR B 344 -18.23 -22.71 2.90
N PRO B 345 -17.65 -23.14 4.05
CA PRO B 345 -17.80 -22.33 5.28
C PRO B 345 -17.22 -20.92 5.21
N ASP B 346 -16.20 -20.70 4.40
CA ASP B 346 -15.59 -19.37 4.24
C ASP B 346 -16.52 -18.38 3.54
N LEU B 347 -17.54 -18.93 2.88
CA LEU B 347 -18.57 -18.14 2.22
C LEU B 347 -19.84 -18.14 3.08
N GLY B 348 -19.72 -18.69 4.28
CA GLY B 348 -20.84 -18.82 5.20
C GLY B 348 -21.76 -20.03 5.07
N GLY B 349 -21.44 -20.95 4.15
CA GLY B 349 -22.27 -22.13 3.93
C GLY B 349 -21.77 -23.30 4.76
N LYS B 350 -22.35 -24.47 4.50
CA LYS B 350 -21.96 -25.71 5.19
C LYS B 350 -21.54 -26.84 4.23
N SER B 351 -21.17 -26.49 3.00
CA SER B 351 -20.79 -27.52 2.03
C SER B 351 -19.29 -27.78 2.04
N GLY B 352 -18.89 -28.95 1.57
CA GLY B 352 -17.46 -29.26 1.47
C GLY B 352 -16.88 -29.04 0.09
N THR B 353 -15.58 -29.20 -0.01
CA THR B 353 -14.84 -29.06 -1.26
C THR B 353 -15.41 -29.88 -2.40
N ASN B 354 -15.70 -31.14 -2.12
CA ASN B 354 -16.19 -32.04 -3.15
C ASN B 354 -17.59 -31.66 -3.62
N GLU B 355 -18.39 -31.19 -2.69
CA GLU B 355 -19.77 -30.82 -2.97
C GLU B 355 -19.86 -29.60 -3.89
N ILE B 356 -19.06 -28.59 -3.59
CA ILE B 356 -19.01 -27.43 -4.49
C ILE B 356 -18.42 -27.77 -5.87
N THR B 357 -17.42 -28.66 -5.92
CA THR B 357 -16.94 -29.16 -7.20
C THR B 357 -18.08 -29.83 -8.01
N ASP B 358 -18.86 -30.69 -7.35
CA ASP B 358 -20.00 -31.35 -7.98
C ASP B 358 -20.97 -30.33 -8.60
N ALA B 359 -21.22 -29.23 -7.88
CA ALA B 359 -22.16 -28.21 -8.35
C ALA B 359 -21.62 -27.44 -9.55
N VAL B 360 -20.32 -27.15 -9.54
CA VAL B 360 -19.69 -26.52 -10.69
C VAL B 360 -19.79 -27.46 -11.89
N LEU B 361 -19.49 -28.74 -11.66
CA LEU B 361 -19.56 -29.75 -12.72
C LEU B 361 -20.96 -29.89 -13.31
N ALA B 362 -21.98 -29.81 -12.45
CA ALA B 362 -23.35 -29.90 -12.94
C ALA B 362 -23.71 -28.76 -13.89
N ASN B 363 -23.15 -27.58 -13.63
CA ASN B 363 -23.37 -26.39 -14.47
C ASN B 363 -22.58 -26.41 -15.77
N ILE B 364 -21.46 -27.12 -15.76
CA ILE B 364 -20.55 -27.23 -16.89
C ILE B 364 -21.19 -28.07 -18.00
C1 GOL C . 11.36 35.37 5.90
O1 GOL C . 11.65 34.85 4.62
C2 GOL C . 10.18 36.33 5.76
O2 GOL C . 9.02 35.67 5.31
C3 GOL C . 9.97 37.13 7.03
O3 GOL C . 9.42 36.31 8.04
C1 GOL D . -5.53 -4.98 18.74
O1 GOL D . -6.70 -5.39 18.06
C2 GOL D . -5.53 -3.47 19.03
O2 GOL D . -6.63 -3.01 19.81
C3 GOL D . -4.20 -3.03 19.64
O3 GOL D . -3.95 -3.67 20.87
C1 GOL E . -11.06 20.30 0.92
O1 GOL E . -10.86 21.65 1.22
C2 GOL E . -9.66 19.78 1.06
O2 GOL E . -9.19 20.65 2.09
C3 GOL E . -8.93 20.02 -0.26
O3 GOL E . -8.40 18.83 -0.83
C1 GOL F . -2.20 9.74 -2.00
O1 GOL F . -1.72 10.73 -2.87
C2 GOL F . -3.61 10.04 -1.48
O2 GOL F . -4.28 11.06 -2.19
C3 GOL F . -3.61 10.40 0.01
O3 GOL F . -2.80 11.53 0.28
C1 GOL G . -13.28 -9.90 -18.73
O1 GOL G . -14.38 -10.73 -18.41
C2 GOL G . -13.31 -8.62 -17.88
O2 GOL G . -13.43 -9.02 -16.52
C3 GOL G . -14.54 -7.78 -18.24
O3 GOL G . -14.44 -6.47 -17.67
C1 GOL H . -5.65 -13.18 -20.23
O1 GOL H . -6.05 -11.84 -20.39
C2 GOL H . -5.12 -13.71 -21.57
O2 GOL H . -6.23 -13.88 -22.45
C3 GOL H . -4.14 -12.75 -22.24
O3 GOL H . -3.57 -13.39 -23.38
C1 GOL I . -11.40 -11.81 -15.61
O1 GOL I . -11.05 -11.53 -14.26
C2 GOL I . -10.30 -12.64 -16.27
O2 GOL I . -10.87 -13.04 -17.53
C3 GOL I . -9.02 -11.81 -16.58
O3 GOL I . -9.23 -10.68 -17.43
C1 GOL J . -2.30 -40.18 -13.77
O1 GOL J . -3.04 -39.20 -14.46
C2 GOL J . -1.01 -39.52 -13.35
O2 GOL J . -0.07 -40.54 -13.01
C3 GOL J . -1.33 -38.62 -12.18
O3 GOL J . -1.94 -39.28 -11.11
C1 GOL K . -12.40 3.85 -15.67
O1 GOL K . -13.50 4.38 -14.99
C2 GOL K . -12.83 2.83 -16.73
O2 GOL K . -13.99 2.04 -16.50
C3 GOL K . -11.66 2.09 -17.36
O3 GOL K . -11.74 2.47 -18.72
C1 GOL L . -2.03 -11.47 1.83
O1 GOL L . -2.85 -10.66 2.63
C2 GOL L . -2.86 -12.29 0.84
O2 GOL L . -1.97 -13.21 0.23
C3 GOL L . -3.53 -11.43 -0.22
O3 GOL L . -2.60 -10.61 -0.91
#